data_6DEQ
#
_entry.id   6DEQ
#
_cell.length_a   176.536
_cell.length_b   176.536
_cell.length_c   177.785
_cell.angle_alpha   90.00
_cell.angle_beta   90.00
_cell.angle_gamma   120.00
#
_symmetry.space_group_name_H-M   'P 62 2 2'
#
loop_
_entity.id
_entity.type
_entity.pdbx_description
1 polymer 'Acetolactate synthase'
2 non-polymer 'FLAVIN-ADENINE DINUCLEOTIDE'
3 non-polymer 'POTASSIUM ION'
4 non-polymer 'MAGNESIUM ION'
5 non-polymer 2-(2,2-difluoroethoxy)-N-(5,8-dimethoxy[1,2,4]triazolo[1,5-c]pyrimidin-2-yl)-6-(trifluoromethyl)benzenesulfonamide
6 non-polymer '(3Z)-4-{[(4-AMINO-2-METHYLPYRIMIDIN-5-YL)METHYL]AMINO}-3-MERCAPTOPENT-3-EN-1-YL TRIHYDROGEN DIPHOSPHATE'
7 water water
#
_entity_poly.entity_id   1
_entity_poly.type   'polypeptide(L)'
_entity_poly.pdbx_seq_one_letter_code
;MHHHHHHSSGLVPRGSGMKETAAAKFERQHMDSPDLGTDDDDKAMAFNTADTSTQPIINDPTLNKHQSSAISRKKKEQLM
DDSFIGLTGGEIFHEMMLRHKVDTVFGYAGGAILPVFDAIYNSDKFKFVLPRHEQGAGHMAEGYARASGKPGVVLVTSGP
GATNVITPMADALMDGVPLVVFSGQVPTTAIGTDAFQEADIVGISRSCTKWNVMVKNVAELPRRINEAFEIATTGRPGPV
LVDLPKDVTASILRESIPINTTLPSNALSQITKKAVSEFTSEAIKRAANILNKAKKPIIYAGAGILNNEQGPKLLKELAD
KANIPVTTTLQGLGAFDQRDPKSLDMLGMHGSAAANTAIQNADCIIALGARFDDRVTGNISKFAPEAKLAASEGRGGILH
FEISPKNINKVVEATEAIEGDVTANLQSFIPLVDSIENRPEWFNKINEWKKKYPYSYQLETPGSLIKPQTLIKEISDQAQ
TYNKEVIVTTGVGQHQMWAAQHFTWTQPRTMITSGGLGTMGYGLPAAIGAQVAKPDAIVIDIDGDASFNMTLTELSSAVQ
AGAPIKVCVLNNEEQGMVTQWQSLFYEHRYSHTHQSNPDFMKLAESMNVKGIRITNQQELKSGVKEFLDATEPVLLEVIV
EKKVPVLPMVPAGKALDDFILWDAEVEKQQNDLRKERTGGKY
;
_entity_poly.pdbx_strand_id   A
#
loop_
_chem_comp.id
_chem_comp.type
_chem_comp.name
_chem_comp.formula
FAD non-polymer 'FLAVIN-ADENINE DINUCLEOTIDE' 'C27 H33 N9 O15 P2'
K non-polymer 'POTASSIUM ION' 'K 1'
MG non-polymer 'MAGNESIUM ION' 'Mg 2'
PXD non-polymer 2-(2,2-difluoroethoxy)-N-(5,8-dimethoxy[1,2,4]triazolo[1,5-c]pyrimidin-2-yl)-6-(trifluoromethyl)benzenesulfonamide 'C16 H14 F5 N5 O5 S'
TP9 non-polymer '(3Z)-4-{[(4-AMINO-2-METHYLPYRIMIDIN-5-YL)METHYL]AMINO}-3-MERCAPTOPENT-3-EN-1-YL TRIHYDROGEN DIPHOSPHATE' 'C11 H18 N4 O7 P2 S -2'
#
# COMPACT_ATOMS: atom_id res chain seq x y z
N LYS A 74 -40.48 -30.42 4.88
CA LYS A 74 -39.18 -31.08 4.94
C LYS A 74 -38.11 -30.27 4.22
N LYS A 75 -38.49 -29.63 3.13
CA LYS A 75 -37.58 -28.77 2.39
C LYS A 75 -37.26 -27.52 3.19
N LYS A 76 -38.27 -26.96 3.86
CA LYS A 76 -38.10 -25.77 4.68
C LYS A 76 -37.15 -26.03 5.83
N GLU A 77 -37.23 -27.23 6.41
CA GLU A 77 -36.32 -27.62 7.49
C GLU A 77 -34.88 -27.71 6.98
N GLN A 78 -34.74 -28.03 5.69
CA GLN A 78 -33.43 -28.15 5.07
C GLN A 78 -32.83 -26.79 4.75
N LEU A 79 -33.68 -25.79 4.56
CA LEU A 79 -33.22 -24.47 4.16
C LEU A 79 -33.06 -23.52 5.35
N MET A 80 -33.60 -23.90 6.50
CA MET A 80 -33.46 -23.11 7.71
C MET A 80 -32.41 -23.74 8.64
N ASP A 81 -31.85 -22.93 9.52
CA ASP A 81 -30.83 -23.42 10.44
C ASP A 81 -31.14 -23.01 11.88
N ASP A 82 -31.00 -23.97 12.80
CA ASP A 82 -31.33 -23.77 14.20
C ASP A 82 -30.09 -23.75 15.10
N SER A 83 -28.93 -23.97 14.51
CA SER A 83 -27.71 -24.23 15.27
C SER A 83 -27.20 -23.03 16.06
N PHE A 84 -27.62 -21.82 15.70
CA PHE A 84 -27.17 -20.62 16.41
C PHE A 84 -28.13 -20.19 17.51
N ILE A 85 -29.29 -20.84 17.58
CA ILE A 85 -30.29 -20.49 18.59
C ILE A 85 -29.73 -20.72 19.99
N GLY A 86 -29.83 -19.71 20.85
CA GLY A 86 -29.32 -19.81 22.20
C GLY A 86 -28.02 -19.05 22.39
N LEU A 87 -27.37 -18.69 21.29
CA LEU A 87 -26.12 -17.93 21.34
C LEU A 87 -26.39 -16.43 21.40
N THR A 88 -25.51 -15.70 22.07
CA THR A 88 -25.56 -14.24 22.02
C THR A 88 -25.04 -13.76 20.67
N GLY A 89 -25.30 -12.50 20.35
CA GLY A 89 -24.75 -11.89 19.15
C GLY A 89 -23.23 -11.96 19.15
N GLY A 90 -22.64 -11.75 20.32
CA GLY A 90 -21.20 -11.82 20.47
C GLY A 90 -20.66 -13.20 20.11
N GLU A 91 -21.32 -14.24 20.61
CA GLU A 91 -20.91 -15.62 20.33
C GLU A 91 -21.10 -15.97 18.86
N ILE A 92 -22.12 -15.39 18.23
CA ILE A 92 -22.36 -15.62 16.81
C ILE A 92 -21.26 -14.94 15.99
N PHE A 93 -20.84 -13.76 16.43
CA PHE A 93 -19.71 -13.08 15.82
C PHE A 93 -18.47 -13.97 15.83
N HIS A 94 -18.21 -14.56 16.99
CA HIS A 94 -17.06 -15.44 17.18
C HIS A 94 -17.09 -16.61 16.20
N GLU A 95 -18.22 -17.31 16.16
CA GLU A 95 -18.38 -18.44 15.24
C GLU A 95 -18.20 -18.04 13.77
N MET A 96 -18.75 -16.90 13.38
CA MET A 96 -18.63 -16.44 12.00
C MET A 96 -17.19 -16.05 11.64
N MET A 97 -16.42 -15.56 12.61
CA MET A 97 -15.00 -15.29 12.36
C MET A 97 -14.30 -16.60 11.99
N LEU A 98 -14.63 -17.66 12.70
CA LEU A 98 -14.05 -18.97 12.46
CA LEU A 98 -14.04 -18.98 12.45
C LEU A 98 -14.39 -19.45 11.05
N ARG A 99 -15.65 -19.32 10.67
CA ARG A 99 -16.12 -19.79 9.38
C ARG A 99 -15.53 -18.99 8.23
N HIS A 100 -15.11 -17.76 8.51
CA HIS A 100 -14.46 -16.94 7.48
C HIS A 100 -12.93 -17.08 7.51
N LYS A 101 -12.44 -18.05 8.27
CA LYS A 101 -11.01 -18.36 8.37
C LYS A 101 -10.17 -17.15 8.82
N VAL A 102 -10.74 -16.35 9.70
CA VAL A 102 -10.01 -15.26 10.33
C VAL A 102 -9.03 -15.83 11.34
N ASP A 103 -7.74 -15.56 11.17
CA ASP A 103 -6.75 -16.07 12.13
C ASP A 103 -6.17 -14.95 12.99
N THR A 104 -6.55 -13.71 12.68
CA THR A 104 -6.01 -12.56 13.40
C THR A 104 -7.03 -11.43 13.49
N VAL A 105 -7.18 -10.87 14.69
CA VAL A 105 -8.04 -9.71 14.89
C VAL A 105 -7.25 -8.59 15.58
N PHE A 106 -7.38 -7.38 15.06
CA PHE A 106 -6.75 -6.21 15.64
C PHE A 106 -7.82 -5.34 16.29
N GLY A 107 -7.69 -5.04 17.57
CA GLY A 107 -8.72 -4.26 18.22
C GLY A 107 -8.46 -3.73 19.62
N TYR A 108 -9.48 -3.08 20.17
CA TYR A 108 -9.37 -2.37 21.44
C TYR A 108 -10.76 -2.28 22.06
N ALA A 109 -10.87 -2.62 23.35
CA ALA A 109 -12.17 -2.78 23.99
C ALA A 109 -12.83 -1.46 24.41
N GLY A 110 -14.07 -1.55 24.87
CA GLY A 110 -14.82 -0.41 25.33
C GLY A 110 -16.24 -0.83 25.68
N GLY A 111 -17.00 0.08 26.28
CA GLY A 111 -18.33 -0.24 26.80
C GLY A 111 -19.30 -0.85 25.81
N ALA A 112 -19.39 -0.27 24.61
CA ALA A 112 -20.39 -0.71 23.63
C ALA A 112 -20.08 -2.07 23.01
N ILE A 113 -18.81 -2.44 22.98
CA ILE A 113 -18.37 -3.66 22.30
C ILE A 113 -18.06 -4.79 23.30
N LEU A 114 -18.25 -4.52 24.59
CA LEU A 114 -17.99 -5.51 25.64
C LEU A 114 -18.65 -6.89 25.45
N PRO A 115 -19.92 -6.94 24.96
CA PRO A 115 -20.49 -8.28 24.76
C PRO A 115 -19.73 -9.14 23.75
N VAL A 116 -19.09 -8.49 22.77
CA VAL A 116 -18.29 -9.22 21.79
C VAL A 116 -16.96 -9.64 22.41
N PHE A 117 -16.35 -8.76 23.19
CA PHE A 117 -15.08 -9.09 23.83
C PHE A 117 -15.24 -10.22 24.85
N ASP A 118 -16.39 -10.29 25.52
CA ASP A 118 -16.63 -11.39 26.43
C ASP A 118 -16.73 -12.72 25.67
N ALA A 119 -17.33 -12.68 24.49
CA ALA A 119 -17.51 -13.88 23.69
C ALA A 119 -16.18 -14.42 23.15
N ILE A 120 -15.23 -13.53 22.86
CA ILE A 120 -13.95 -13.97 22.31
C ILE A 120 -12.89 -14.11 23.41
N TYR A 121 -13.32 -14.04 24.66
CA TYR A 121 -12.41 -14.15 25.81
C TYR A 121 -11.62 -15.45 25.77
N ASN A 122 -10.29 -15.34 25.80
CA ASN A 122 -9.39 -16.49 25.72
C ASN A 122 -9.67 -17.44 24.55
N SER A 123 -10.07 -16.89 23.42
CA SER A 123 -10.29 -17.71 22.24
C SER A 123 -8.98 -18.25 21.73
N ASP A 124 -8.95 -19.54 21.37
CA ASP A 124 -7.77 -20.14 20.79
C ASP A 124 -7.94 -20.30 19.28
N LYS A 125 -8.96 -19.64 18.75
CA LYS A 125 -9.31 -19.76 17.33
C LYS A 125 -8.62 -18.71 16.47
N PHE A 126 -8.17 -17.62 17.08
CA PHE A 126 -7.40 -16.61 16.35
C PHE A 126 -6.51 -15.84 17.32
N LYS A 127 -5.50 -15.19 16.77
CA LYS A 127 -4.63 -14.32 17.55
C LYS A 127 -5.26 -12.94 17.65
N PHE A 128 -5.30 -12.38 18.86
CA PHE A 128 -5.79 -11.01 19.03
C PHE A 128 -4.59 -10.09 19.23
N VAL A 129 -4.59 -8.97 18.51
CA VAL A 129 -3.50 -8.01 18.63
C VAL A 129 -4.01 -6.69 19.18
N LEU A 130 -3.44 -6.29 20.31
CA LEU A 130 -3.85 -5.07 21.00
C LEU A 130 -2.86 -3.94 20.72
N PRO A 131 -3.33 -2.86 20.07
CA PRO A 131 -2.46 -1.71 19.82
C PRO A 131 -2.51 -0.77 21.02
N ARG A 132 -1.98 0.45 20.87
CA ARG A 132 -2.10 1.46 21.90
C ARG A 132 -3.18 2.47 21.52
N HIS A 133 -3.55 2.47 20.24
CA HIS A 133 -4.46 3.45 19.65
C HIS A 133 -5.22 2.75 18.52
N GLU A 134 -6.51 3.04 18.35
CA GLU A 134 -7.29 2.36 17.31
C GLU A 134 -6.79 2.65 15.89
N GLN A 135 -6.14 3.80 15.68
CA GLN A 135 -5.53 4.06 14.38
C GLN A 135 -4.46 3.01 14.14
N GLY A 136 -3.76 2.64 15.21
CA GLY A 136 -2.78 1.57 15.16
C GLY A 136 -3.40 0.27 14.68
N ALA A 137 -4.53 -0.11 15.28
CA ALA A 137 -5.25 -1.32 14.88
C ALA A 137 -5.58 -1.29 13.39
N GLY A 138 -6.08 -0.14 12.93
CA GLY A 138 -6.44 0.03 11.54
C GLY A 138 -5.26 -0.16 10.59
N HIS A 139 -4.16 0.53 10.84
CA HIS A 139 -2.99 0.41 9.96
C HIS A 139 -2.32 -0.95 10.08
N MET A 140 -2.37 -1.55 11.27
CA MET A 140 -1.86 -2.92 11.43
C MET A 140 -2.65 -3.88 10.56
N ALA A 141 -3.97 -3.76 10.58
CA ALA A 141 -4.84 -4.63 9.78
C ALA A 141 -4.58 -4.44 8.30
N GLU A 142 -4.28 -3.19 7.91
CA GLU A 142 -3.89 -2.91 6.53
C GLU A 142 -2.60 -3.62 6.16
N GLY A 143 -1.58 -3.49 7.01
CA GLY A 143 -0.31 -4.16 6.78
C GLY A 143 -0.48 -5.66 6.71
N TYR A 144 -1.32 -6.20 7.59
CA TYR A 144 -1.65 -7.62 7.59
C TYR A 144 -2.27 -8.05 6.25
N ALA A 145 -3.23 -7.26 5.78
CA ALA A 145 -3.96 -7.58 4.57
C ALA A 145 -3.06 -7.55 3.34
N ARG A 146 -2.18 -6.57 3.28
CA ARG A 146 -1.33 -6.41 2.11
C ARG A 146 -0.21 -7.46 2.08
N ALA A 147 0.22 -7.92 3.25
CA ALA A 147 1.24 -8.96 3.31
C ALA A 147 0.65 -10.34 3.02
N SER A 148 -0.60 -10.56 3.42
CA SER A 148 -1.18 -11.90 3.40
C SER A 148 -2.15 -12.15 2.25
N GLY A 149 -2.77 -11.10 1.73
CA GLY A 149 -3.82 -11.26 0.73
C GLY A 149 -5.16 -11.63 1.34
N LYS A 150 -5.23 -11.64 2.68
CA LYS A 150 -6.48 -11.88 3.40
C LYS A 150 -7.04 -10.55 3.90
N PRO A 151 -8.36 -10.50 4.19
CA PRO A 151 -8.88 -9.25 4.75
C PRO A 151 -8.36 -8.98 6.17
N GLY A 152 -8.10 -7.72 6.49
CA GLY A 152 -7.68 -7.34 7.83
C GLY A 152 -8.89 -7.00 8.68
N VAL A 153 -9.02 -7.68 9.82
CA VAL A 153 -10.21 -7.52 10.66
C VAL A 153 -9.95 -6.62 11.87
N VAL A 154 -10.80 -5.61 12.03
CA VAL A 154 -10.67 -4.65 13.13
C VAL A 154 -11.89 -4.71 14.04
N LEU A 155 -11.66 -4.66 15.35
CA LEU A 155 -12.74 -4.72 16.33
C LEU A 155 -12.59 -3.61 17.37
N VAL A 156 -13.46 -2.59 17.31
CA VAL A 156 -13.33 -1.44 18.20
C VAL A 156 -14.66 -1.08 18.85
N THR A 157 -14.64 -0.16 19.81
CA THR A 157 -15.85 0.24 20.50
C THR A 157 -16.51 1.44 19.80
N SER A 158 -17.61 1.91 20.35
CA SER A 158 -18.35 3.03 19.76
C SER A 158 -17.62 4.36 19.94
N GLY A 159 -18.19 5.41 19.39
CA GLY A 159 -17.70 6.76 19.58
C GLY A 159 -16.27 6.97 19.13
N PRO A 160 -15.38 7.33 20.06
CA PRO A 160 -14.00 7.67 19.72
C PRO A 160 -13.21 6.44 19.25
N GLY A 161 -13.62 5.26 19.68
CA GLY A 161 -13.00 4.03 19.22
C GLY A 161 -13.22 3.90 17.73
N ALA A 162 -14.43 4.22 17.28
CA ALA A 162 -14.80 4.12 15.88
C ALA A 162 -14.28 5.28 15.04
N THR A 163 -14.37 6.50 15.56
CA THR A 163 -13.88 7.64 14.78
C THR A 163 -12.35 7.57 14.61
N ASN A 164 -11.67 6.90 15.53
CA ASN A 164 -10.22 6.74 15.43
C ASN A 164 -9.75 5.84 14.26
N VAL A 165 -10.68 5.12 13.64
N VAL A 165 -10.66 5.09 13.64
CA VAL A 165 -10.36 4.21 12.54
CA VAL A 165 -10.24 4.26 12.51
C VAL A 165 -10.65 4.86 11.16
C VAL A 165 -10.74 4.83 11.18
N ILE A 166 -11.13 6.10 11.19
CA ILE A 166 -11.52 6.78 9.95
C ILE A 166 -10.34 6.97 8.99
N THR A 167 -9.18 7.39 9.51
CA THR A 167 -8.02 7.57 8.64
C THR A 167 -7.55 6.24 8.01
N PRO A 168 -7.44 5.16 8.81
CA PRO A 168 -7.12 3.87 8.17
C PRO A 168 -8.16 3.41 7.13
N MET A 169 -9.44 3.67 7.37
CA MET A 169 -10.46 3.31 6.39
C MET A 169 -10.31 4.11 5.09
N ALA A 170 -10.10 5.42 5.20
CA ALA A 170 -9.86 6.25 4.03
C ALA A 170 -8.58 5.81 3.32
N ASP A 171 -7.58 5.42 4.11
CA ASP A 171 -6.32 4.93 3.57
C ASP A 171 -6.55 3.66 2.74
N ALA A 172 -7.30 2.72 3.32
CA ALA A 172 -7.57 1.44 2.69
C ALA A 172 -8.41 1.58 1.42
N LEU A 173 -9.33 2.55 1.42
CA LEU A 173 -10.14 2.82 0.23
C LEU A 173 -9.26 3.29 -0.93
N MET A 174 -8.36 4.24 -0.66
CA MET A 174 -7.51 4.82 -1.70
C MET A 174 -6.52 3.80 -2.26
N ASP A 175 -6.08 2.85 -1.43
CA ASP A 175 -5.07 1.88 -1.86
C ASP A 175 -5.63 0.48 -2.14
N GLY A 176 -6.95 0.34 -2.10
CA GLY A 176 -7.58 -0.92 -2.46
C GLY A 176 -7.28 -2.07 -1.50
N VAL A 177 -7.36 -1.78 -0.21
CA VAL A 177 -7.02 -2.76 0.83
C VAL A 177 -8.27 -3.35 1.47
N PRO A 178 -8.39 -4.69 1.49
CA PRO A 178 -9.56 -5.32 2.08
C PRO A 178 -9.55 -5.23 3.60
N LEU A 179 -10.41 -4.39 4.14
CA LEU A 179 -10.48 -4.13 5.57
C LEU A 179 -11.91 -4.36 6.05
N VAL A 180 -12.09 -5.19 7.07
CA VAL A 180 -13.42 -5.35 7.64
C VAL A 180 -13.44 -4.80 9.06
N VAL A 181 -14.09 -3.64 9.22
CA VAL A 181 -14.13 -2.96 10.50
C VAL A 181 -15.44 -3.22 11.24
N PHE A 182 -15.33 -3.80 12.42
CA PHE A 182 -16.48 -3.98 13.30
C PHE A 182 -16.42 -2.98 14.43
N SER A 183 -17.41 -2.09 14.50
CA SER A 183 -17.45 -1.07 15.53
C SER A 183 -18.64 -1.26 16.45
N GLY A 184 -18.39 -1.25 17.76
CA GLY A 184 -19.46 -1.24 18.73
C GLY A 184 -20.29 0.01 18.55
N GLN A 185 -21.56 -0.05 18.95
CA GLN A 185 -22.43 1.10 18.87
C GLN A 185 -23.27 1.11 20.14
N VAL A 186 -23.74 2.30 20.53
CA VAL A 186 -24.63 2.44 21.68
C VAL A 186 -25.90 1.59 21.43
N PRO A 187 -26.58 1.16 22.50
CA PRO A 187 -27.81 0.37 22.36
C PRO A 187 -28.81 1.05 21.42
N THR A 188 -29.60 0.25 20.70
CA THR A 188 -30.57 0.80 19.76
C THR A 188 -31.56 1.74 20.46
N THR A 189 -31.83 1.46 21.73
CA THR A 189 -32.71 2.32 22.52
C THR A 189 -32.13 3.72 22.76
N ALA A 190 -30.84 3.91 22.45
CA ALA A 190 -30.18 5.18 22.72
C ALA A 190 -29.70 5.88 21.45
N ILE A 191 -29.79 5.20 20.31
CA ILE A 191 -29.34 5.77 19.05
C ILE A 191 -30.15 7.01 18.69
N GLY A 192 -29.45 8.07 18.27
CA GLY A 192 -30.11 9.31 17.89
C GLY A 192 -30.48 10.23 19.04
N THR A 193 -29.90 9.99 20.22
CA THR A 193 -30.17 10.81 21.38
C THR A 193 -28.95 11.59 21.87
N ASP A 194 -27.89 11.59 21.05
CA ASP A 194 -26.58 12.11 21.46
C ASP A 194 -26.12 11.40 22.73
N ALA A 195 -26.20 10.07 22.69
CA ALA A 195 -25.90 9.24 23.85
C ALA A 195 -24.42 9.25 24.22
N PHE A 196 -24.13 8.70 25.40
CA PHE A 196 -22.74 8.48 25.81
C PHE A 196 -21.95 7.74 24.74
N GLN A 197 -20.84 8.32 24.30
CA GLN A 197 -19.96 7.72 23.29
C GLN A 197 -20.69 7.34 22.01
N GLU A 198 -21.65 8.15 21.60
CA GLU A 198 -22.34 7.89 20.34
C GLU A 198 -21.77 8.73 19.21
N ALA A 199 -21.32 8.07 18.16
CA ALA A 199 -20.97 8.74 16.92
C ALA A 199 -21.82 8.16 15.79
N ASP A 200 -22.17 9.00 14.82
CA ASP A 200 -22.84 8.52 13.62
C ASP A 200 -21.80 7.95 12.65
N ILE A 201 -21.23 6.80 12.99
CA ILE A 201 -20.11 6.26 12.23
C ILE A 201 -20.53 5.77 10.84
N VAL A 202 -21.79 5.36 10.70
CA VAL A 202 -22.28 4.94 9.38
C VAL A 202 -22.31 6.15 8.44
N GLY A 203 -22.74 7.30 8.96
CA GLY A 203 -22.73 8.53 8.21
C GLY A 203 -21.32 9.02 7.95
N ILE A 204 -20.49 9.02 8.99
CA ILE A 204 -19.13 9.52 8.88
C ILE A 204 -18.26 8.67 7.93
N SER A 205 -18.40 7.35 8.01
CA SER A 205 -17.56 6.45 7.23
C SER A 205 -18.09 6.16 5.84
N ARG A 206 -19.24 6.73 5.48
CA ARG A 206 -19.87 6.44 4.20
C ARG A 206 -18.94 6.72 3.02
N SER A 207 -18.24 7.85 3.06
CA SER A 207 -17.33 8.23 1.98
C SER A 207 -15.98 7.49 2.03
N CYS A 208 -15.73 6.82 3.15
N CYS A 208 -15.67 6.84 3.13
CA CYS A 208 -14.46 6.12 3.40
CA CYS A 208 -14.38 6.12 3.17
C CYS A 208 -14.53 4.61 3.20
C CYS A 208 -14.56 4.62 3.32
N THR A 209 -15.69 4.10 2.84
CA THR A 209 -15.89 2.66 2.73
C THR A 209 -16.57 2.29 1.42
N LYS A 210 -16.34 1.06 0.95
CA LYS A 210 -17.10 0.56 -0.18
C LYS A 210 -18.57 0.44 0.19
N TRP A 211 -18.81 0.15 1.46
CA TRP A 211 -20.14 -0.20 1.94
C TRP A 211 -20.11 -0.25 3.47
N ASN A 212 -21.20 0.14 4.10
CA ASN A 212 -21.31 -0.06 5.55
C ASN A 212 -22.75 -0.35 5.92
N VAL A 213 -22.97 -0.74 7.18
CA VAL A 213 -24.29 -1.13 7.62
C VAL A 213 -24.34 -1.12 9.14
N MET A 214 -25.53 -0.89 9.68
CA MET A 214 -25.74 -1.10 11.10
C MET A 214 -26.66 -2.29 11.29
N VAL A 215 -26.19 -3.27 12.06
CA VAL A 215 -26.98 -4.44 12.37
C VAL A 215 -28.09 -4.02 13.35
N LYS A 216 -29.33 -4.40 13.06
CA LYS A 216 -30.46 -3.95 13.88
C LYS A 216 -31.07 -5.06 14.72
N ASN A 217 -30.73 -6.31 14.40
CA ASN A 217 -31.17 -7.44 15.19
C ASN A 217 -30.23 -8.62 14.99
N VAL A 218 -30.16 -9.50 15.98
CA VAL A 218 -29.15 -10.56 15.98
C VAL A 218 -29.42 -11.58 14.86
N ALA A 219 -30.68 -11.70 14.45
CA ALA A 219 -31.03 -12.66 13.39
C ALA A 219 -30.35 -12.34 12.06
N GLU A 220 -30.02 -11.07 11.82
CA GLU A 220 -29.42 -10.68 10.55
C GLU A 220 -27.90 -10.53 10.65
N LEU A 221 -27.35 -10.76 11.84
CA LEU A 221 -25.91 -10.60 12.03
C LEU A 221 -25.05 -11.53 11.16
N PRO A 222 -25.39 -12.83 11.08
CA PRO A 222 -24.58 -13.67 10.18
C PRO A 222 -24.58 -13.21 8.73
N ARG A 223 -25.75 -12.80 8.22
CA ARG A 223 -25.86 -12.32 6.84
C ARG A 223 -25.00 -11.07 6.60
N ARG A 224 -25.06 -10.11 7.53
CA ARG A 224 -24.30 -8.88 7.38
C ARG A 224 -22.78 -9.12 7.42
N ILE A 225 -22.35 -10.07 8.24
CA ILE A 225 -20.94 -10.43 8.29
C ILE A 225 -20.50 -11.06 6.96
N ASN A 226 -21.30 -11.96 6.41
CA ASN A 226 -21.02 -12.53 5.09
C ASN A 226 -20.91 -11.46 4.01
N GLU A 227 -21.88 -10.55 3.99
CA GLU A 227 -21.90 -9.47 3.01
C GLU A 227 -20.66 -8.59 3.10
N ALA A 228 -20.26 -8.27 4.33
CA ALA A 228 -19.08 -7.44 4.57
C ALA A 228 -17.82 -8.06 3.98
N PHE A 229 -17.59 -9.33 4.30
CA PHE A 229 -16.39 -10.03 3.81
C PHE A 229 -16.42 -10.16 2.30
N GLU A 230 -17.59 -10.43 1.74
CA GLU A 230 -17.71 -10.57 0.29
C GLU A 230 -17.41 -9.26 -0.43
N ILE A 231 -18.01 -8.18 0.04
CA ILE A 231 -17.81 -6.86 -0.58
C ILE A 231 -16.36 -6.40 -0.44
N ALA A 232 -15.77 -6.63 0.74
CA ALA A 232 -14.39 -6.20 0.99
C ALA A 232 -13.38 -6.88 0.06
N THR A 233 -13.65 -8.11 -0.33
CA THR A 233 -12.66 -8.90 -1.05
C THR A 233 -12.93 -9.08 -2.55
N THR A 234 -14.07 -8.60 -3.04
CA THR A 234 -14.39 -8.72 -4.46
C THR A 234 -14.31 -7.36 -5.17
N GLY A 235 -14.30 -7.40 -6.50
CA GLY A 235 -14.08 -6.20 -7.29
C GLY A 235 -12.72 -5.63 -6.93
N ARG A 236 -12.61 -4.31 -6.88
CA ARG A 236 -11.42 -3.74 -6.27
C ARG A 236 -11.61 -3.86 -4.77
N PRO A 237 -10.70 -4.55 -4.09
CA PRO A 237 -10.81 -4.73 -2.64
C PRO A 237 -10.84 -3.39 -1.92
N GLY A 238 -11.49 -3.33 -0.77
CA GLY A 238 -11.58 -2.09 -0.03
C GLY A 238 -12.20 -2.30 1.35
N PRO A 239 -12.27 -1.24 2.14
CA PRO A 239 -12.79 -1.31 3.51
C PRO A 239 -14.31 -1.32 3.58
N VAL A 240 -14.85 -2.07 4.53
CA VAL A 240 -16.26 -2.02 4.88
C VAL A 240 -16.39 -1.87 6.39
N LEU A 241 -17.51 -1.33 6.85
CA LEU A 241 -17.74 -1.20 8.28
C LEU A 241 -19.08 -1.78 8.68
N VAL A 242 -19.08 -2.54 9.78
CA VAL A 242 -20.30 -3.11 10.32
C VAL A 242 -20.49 -2.61 11.74
N ASP A 243 -21.58 -1.87 11.95
CA ASP A 243 -21.89 -1.23 13.23
C ASP A 243 -22.70 -2.17 14.12
N LEU A 244 -22.24 -2.39 15.36
CA LEU A 244 -22.83 -3.40 16.23
C LEU A 244 -23.38 -2.84 17.55
N PRO A 245 -24.68 -2.50 17.57
CA PRO A 245 -25.31 -1.99 18.79
C PRO A 245 -25.15 -2.97 19.96
N LYS A 246 -24.88 -2.42 21.14
CA LYS A 246 -24.60 -3.22 22.31
C LYS A 246 -25.72 -4.19 22.67
N ASP A 247 -26.97 -3.76 22.54
CA ASP A 247 -28.08 -4.64 22.91
C ASP A 247 -28.29 -5.73 21.86
N VAL A 248 -27.83 -5.52 20.64
CA VAL A 248 -27.88 -6.56 19.62
C VAL A 248 -26.88 -7.67 19.91
N THR A 249 -25.64 -7.30 20.24
CA THR A 249 -24.60 -8.28 20.49
C THR A 249 -24.79 -8.98 21.84
N ALA A 250 -25.50 -8.33 22.76
CA ALA A 250 -25.84 -8.94 24.05
C ALA A 250 -27.09 -9.81 23.94
N SER A 251 -27.93 -9.56 22.93
CA SER A 251 -29.16 -10.32 22.79
C SER A 251 -28.90 -11.75 22.32
N ILE A 252 -29.87 -12.63 22.55
CA ILE A 252 -29.74 -14.04 22.21
C ILE A 252 -30.65 -14.39 21.04
N LEU A 253 -30.13 -15.15 20.06
CA LEU A 253 -30.92 -15.58 18.93
C LEU A 253 -31.99 -16.59 19.35
N ARG A 254 -33.26 -16.27 19.10
CA ARG A 254 -34.36 -17.13 19.52
C ARG A 254 -35.09 -17.78 18.35
N GLU A 255 -34.63 -17.51 17.13
CA GLU A 255 -35.31 -18.04 15.96
C GLU A 255 -34.34 -18.58 14.91
N SER A 256 -34.84 -19.49 14.07
CA SER A 256 -34.03 -20.06 13.01
C SER A 256 -33.79 -19.03 11.91
N ILE A 257 -32.68 -19.19 11.20
CA ILE A 257 -32.31 -18.27 10.13
C ILE A 257 -31.95 -19.06 8.87
N PRO A 258 -32.07 -18.44 7.69
CA PRO A 258 -31.75 -19.16 6.45
C PRO A 258 -30.33 -19.71 6.47
N ILE A 259 -30.18 -20.99 6.12
CA ILE A 259 -28.92 -21.69 6.33
C ILE A 259 -27.79 -21.11 5.48
N ASN A 260 -28.13 -20.41 4.40
N ASN A 260 -28.15 -20.42 4.40
CA ASN A 260 -27.11 -19.83 3.54
CA ASN A 260 -27.15 -19.81 3.53
C ASN A 260 -26.46 -18.60 4.18
C ASN A 260 -26.46 -18.61 4.18
N THR A 261 -27.15 -17.99 5.14
CA THR A 261 -26.60 -16.83 5.84
C THR A 261 -25.59 -17.25 6.91
N THR A 262 -25.57 -18.55 7.23
CA THR A 262 -24.65 -19.08 8.22
C THR A 262 -23.36 -19.57 7.58
N LEU A 263 -23.27 -19.46 6.26
CA LEU A 263 -22.09 -19.90 5.53
C LEU A 263 -21.55 -18.80 4.61
N PRO A 264 -20.22 -18.67 4.54
CA PRO A 264 -19.55 -17.78 3.58
C PRO A 264 -19.64 -18.31 2.15
N SER A 265 -18.95 -17.66 1.22
CA SER A 265 -18.90 -18.13 -0.16
C SER A 265 -17.53 -18.74 -0.47
N ASN A 266 -17.53 -19.94 -1.05
CA ASN A 266 -18.76 -20.64 -1.41
C ASN A 266 -19.21 -21.65 -0.34
N ALA A 275 -18.30 -17.33 -16.16
CA ALA A 275 -17.62 -17.36 -17.45
C ALA A 275 -17.46 -15.96 -18.03
N VAL A 276 -16.54 -15.82 -18.97
CA VAL A 276 -16.24 -14.52 -19.58
C VAL A 276 -17.33 -14.10 -20.57
N SER A 277 -17.80 -12.87 -20.46
CA SER A 277 -18.80 -12.35 -21.36
C SER A 277 -18.26 -12.27 -22.78
N GLU A 278 -19.15 -12.43 -23.76
CA GLU A 278 -18.78 -12.36 -25.16
C GLU A 278 -18.24 -10.97 -25.50
N PHE A 279 -18.76 -9.96 -24.80
CA PHE A 279 -18.32 -8.58 -24.98
C PHE A 279 -16.83 -8.42 -24.64
N THR A 280 -16.45 -8.96 -23.50
CA THR A 280 -15.07 -8.90 -23.03
C THR A 280 -14.16 -9.77 -23.88
N SER A 281 -14.66 -10.94 -24.26
CA SER A 281 -13.91 -11.86 -25.12
C SER A 281 -13.54 -11.21 -26.46
N GLU A 282 -14.46 -10.45 -27.01
CA GLU A 282 -14.22 -9.74 -28.26
C GLU A 282 -13.24 -8.60 -28.07
N ALA A 283 -13.34 -7.92 -26.93
CA ALA A 283 -12.41 -6.85 -26.59
C ALA A 283 -10.98 -7.40 -26.48
N ILE A 284 -10.86 -8.57 -25.86
CA ILE A 284 -9.56 -9.22 -25.70
C ILE A 284 -8.93 -9.56 -27.05
N LYS A 285 -9.72 -10.15 -27.95
CA LYS A 285 -9.26 -10.46 -29.30
C LYS A 285 -8.81 -9.20 -30.02
N ARG A 286 -9.59 -8.14 -29.87
CA ARG A 286 -9.27 -6.86 -30.50
C ARG A 286 -7.99 -6.28 -29.94
N ALA A 287 -7.83 -6.40 -28.62
CA ALA A 287 -6.63 -5.91 -27.94
C ALA A 287 -5.38 -6.67 -28.41
N ALA A 288 -5.52 -7.98 -28.63
CA ALA A 288 -4.41 -8.80 -29.10
C ALA A 288 -3.95 -8.36 -30.48
N ASN A 289 -4.91 -8.10 -31.36
CA ASN A 289 -4.58 -7.64 -32.72
C ASN A 289 -3.85 -6.31 -32.71
N ILE A 290 -4.21 -5.45 -31.76
CA ILE A 290 -3.54 -4.16 -31.62
C ILE A 290 -2.10 -4.35 -31.16
N LEU A 291 -1.90 -5.17 -30.14
CA LEU A 291 -0.54 -5.44 -29.64
C LEU A 291 0.33 -6.10 -30.71
N ASN A 292 -0.27 -6.99 -31.49
CA ASN A 292 0.47 -7.69 -32.55
C ASN A 292 0.95 -6.74 -33.66
N LYS A 293 0.44 -5.51 -33.66
CA LYS A 293 0.91 -4.50 -34.61
C LYS A 293 2.00 -3.61 -34.01
N ALA A 294 2.04 -3.52 -32.69
CA ALA A 294 2.90 -2.58 -31.99
C ALA A 294 4.39 -2.77 -32.28
N LYS A 295 5.10 -1.65 -32.41
CA LYS A 295 6.54 -1.67 -32.63
C LYS A 295 7.29 -1.14 -31.42
N LYS A 296 6.57 -0.45 -30.53
CA LYS A 296 7.16 0.10 -29.33
C LYS A 296 6.26 -0.12 -28.11
N PRO A 297 6.01 -1.40 -27.76
CA PRO A 297 5.08 -1.67 -26.67
C PRO A 297 5.71 -1.42 -25.31
N ILE A 298 4.88 -1.15 -24.31
CA ILE A 298 5.34 -1.07 -22.93
C ILE A 298 4.23 -1.55 -22.00
N ILE A 299 4.61 -2.29 -20.96
CA ILE A 299 3.66 -2.73 -19.96
C ILE A 299 3.72 -1.77 -18.76
N TYR A 300 2.55 -1.31 -18.35
CA TYR A 300 2.41 -0.42 -17.20
C TYR A 300 1.59 -1.17 -16.14
N ALA A 301 2.28 -1.75 -15.17
CA ALA A 301 1.65 -2.68 -14.25
C ALA A 301 1.54 -2.12 -12.84
N GLY A 302 0.41 -2.41 -12.18
CA GLY A 302 0.17 -1.88 -10.85
C GLY A 302 -0.32 -2.90 -9.85
N ALA A 303 -0.90 -2.41 -8.76
CA ALA A 303 -1.32 -3.23 -7.62
C ALA A 303 -2.29 -4.36 -7.99
N GLY A 304 -3.08 -4.15 -9.04
CA GLY A 304 -4.07 -5.13 -9.45
C GLY A 304 -3.48 -6.49 -9.80
N ILE A 305 -2.27 -6.48 -10.35
CA ILE A 305 -1.62 -7.72 -10.75
C ILE A 305 -1.25 -8.56 -9.51
N LEU A 306 -1.19 -7.92 -8.36
CA LEU A 306 -0.83 -8.59 -7.10
C LEU A 306 -2.02 -9.27 -6.43
N ASN A 307 -3.23 -9.02 -6.93
CA ASN A 307 -4.41 -9.56 -6.28
C ASN A 307 -4.76 -10.97 -6.76
N ASN A 308 -3.83 -11.59 -7.46
CA ASN A 308 -3.90 -12.99 -7.81
C ASN A 308 -2.50 -13.59 -7.70
N GLU A 309 -2.40 -14.79 -7.15
CA GLU A 309 -1.11 -15.43 -6.96
C GLU A 309 -0.38 -15.68 -8.29
N GLN A 310 -1.15 -15.90 -9.35
CA GLN A 310 -0.57 -16.16 -10.68
C GLN A 310 -0.25 -14.87 -11.44
N GLY A 311 -0.66 -13.74 -10.87
CA GLY A 311 -0.47 -12.44 -11.49
C GLY A 311 0.90 -12.17 -12.06
N PRO A 312 1.92 -12.09 -11.17
CA PRO A 312 3.30 -11.84 -11.60
C PRO A 312 3.79 -12.88 -12.63
N LYS A 313 3.38 -14.12 -12.45
CA LYS A 313 3.74 -15.19 -13.39
C LYS A 313 3.25 -14.89 -14.80
N LEU A 314 1.99 -14.48 -14.92
CA LEU A 314 1.42 -14.18 -16.23
C LEU A 314 1.96 -12.88 -16.81
N LEU A 315 2.25 -11.91 -15.95
CA LEU A 315 2.90 -10.68 -16.38
C LEU A 315 4.24 -10.99 -17.05
N LYS A 316 5.02 -11.87 -16.40
CA LYS A 316 6.31 -12.28 -16.92
C LYS A 316 6.16 -13.06 -18.23
N GLU A 317 5.14 -13.90 -18.29
CA GLU A 317 4.90 -14.71 -19.48
C GLU A 317 4.57 -13.81 -20.68
N LEU A 318 3.75 -12.79 -20.44
CA LEU A 318 3.41 -11.85 -21.51
C LEU A 318 4.63 -11.07 -21.98
N ALA A 319 5.36 -10.51 -21.02
CA ALA A 319 6.54 -9.71 -21.34
C ALA A 319 7.58 -10.53 -22.10
N ASP A 320 7.77 -11.78 -21.69
CA ASP A 320 8.74 -12.66 -22.35
C ASP A 320 8.29 -13.02 -23.76
N LYS A 321 7.02 -13.37 -23.91
CA LYS A 321 6.52 -13.85 -25.20
C LYS A 321 6.57 -12.76 -26.27
N ALA A 322 6.08 -11.57 -25.94
CA ALA A 322 5.99 -10.50 -26.91
C ALA A 322 7.16 -9.53 -26.82
N ASN A 323 8.10 -9.84 -25.92
CA ASN A 323 9.33 -9.05 -25.76
C ASN A 323 9.01 -7.59 -25.44
N ILE A 324 8.47 -7.36 -24.24
CA ILE A 324 7.99 -6.04 -23.85
C ILE A 324 8.64 -5.56 -22.55
N PRO A 325 9.18 -4.33 -22.54
CA PRO A 325 9.73 -3.74 -21.32
C PRO A 325 8.62 -3.47 -20.30
N VAL A 326 8.95 -3.54 -19.02
CA VAL A 326 7.94 -3.41 -17.97
C VAL A 326 8.30 -2.33 -16.95
N THR A 327 7.38 -1.39 -16.77
CA THR A 327 7.48 -0.41 -15.69
C THR A 327 6.30 -0.61 -14.73
N THR A 328 6.50 -0.30 -13.45
CA THR A 328 5.42 -0.44 -12.48
C THR A 328 5.21 0.85 -11.69
N THR A 329 4.04 0.93 -11.05
CA THR A 329 3.77 1.98 -10.09
C THR A 329 4.48 1.71 -8.77
N LEU A 330 4.37 2.67 -7.86
CA LEU A 330 4.81 2.48 -6.48
C LEU A 330 4.15 1.25 -5.87
N GLN A 331 2.85 1.09 -6.11
CA GLN A 331 2.10 -0.01 -5.51
C GLN A 331 2.30 -1.32 -6.28
N GLY A 332 2.90 -1.23 -7.46
CA GLY A 332 3.18 -2.40 -8.25
C GLY A 332 4.57 -2.98 -8.03
N LEU A 333 5.37 -2.30 -7.22
CA LEU A 333 6.76 -2.73 -6.99
C LEU A 333 6.80 -4.15 -6.43
N GLY A 334 7.59 -4.99 -7.10
CA GLY A 334 7.70 -6.39 -6.71
C GLY A 334 6.92 -7.32 -7.62
N ALA A 335 6.06 -6.74 -8.46
CA ALA A 335 5.29 -7.52 -9.41
C ALA A 335 6.19 -8.05 -10.52
N PHE A 336 7.26 -7.32 -10.81
CA PHE A 336 8.22 -7.72 -11.83
C PHE A 336 9.62 -7.73 -11.26
N ASP A 337 10.40 -8.75 -11.60
CA ASP A 337 11.78 -8.87 -11.13
C ASP A 337 12.63 -7.75 -11.73
N GLN A 338 13.02 -6.79 -10.91
CA GLN A 338 13.76 -5.62 -11.40
C GLN A 338 15.19 -5.95 -11.86
N ARG A 339 15.64 -7.18 -11.62
CA ARG A 339 16.95 -7.61 -12.11
C ARG A 339 16.88 -8.00 -13.58
N ASP A 340 15.66 -8.24 -14.07
CA ASP A 340 15.44 -8.57 -15.48
C ASP A 340 15.80 -7.38 -16.37
N PRO A 341 16.49 -7.64 -17.49
CA PRO A 341 16.88 -6.58 -18.43
C PRO A 341 15.68 -5.78 -18.95
N LYS A 342 14.51 -6.38 -18.98
CA LYS A 342 13.31 -5.72 -19.49
C LYS A 342 12.68 -4.77 -18.47
N SER A 343 13.24 -4.72 -17.27
CA SER A 343 12.68 -3.86 -16.21
C SER A 343 13.05 -2.39 -16.43
N LEU A 344 12.03 -1.53 -16.44
CA LEU A 344 12.24 -0.09 -16.57
C LEU A 344 12.10 0.63 -15.22
N ASP A 345 11.95 -0.15 -14.15
CA ASP A 345 11.80 0.38 -12.79
C ASP A 345 10.48 1.16 -12.65
N MET A 346 10.39 2.02 -11.64
CA MET A 346 9.15 2.74 -11.34
C MET A 346 8.97 3.97 -12.23
N LEU A 347 7.73 4.27 -12.60
CA LEU A 347 7.44 5.48 -13.37
C LEU A 347 6.77 6.51 -12.48
N GLY A 348 6.67 7.75 -12.96
CA GLY A 348 5.93 8.77 -12.25
C GLY A 348 6.73 9.98 -11.78
N MET A 349 6.11 10.74 -10.88
CA MET A 349 6.69 11.98 -10.35
CA MET A 349 6.69 11.98 -10.34
C MET A 349 8.14 11.81 -9.90
N HIS A 350 8.42 10.74 -9.17
CA HIS A 350 9.77 10.47 -8.70
C HIS A 350 10.30 9.13 -9.24
N GLY A 351 9.71 8.67 -10.33
CA GLY A 351 10.15 7.45 -10.97
C GLY A 351 11.33 7.68 -11.90
N SER A 352 11.85 6.61 -12.47
CA SER A 352 12.97 6.68 -13.40
C SER A 352 12.62 7.51 -14.64
N ALA A 353 13.54 8.38 -15.05
CA ALA A 353 13.35 9.17 -16.27
C ALA A 353 13.38 8.27 -17.50
N ALA A 354 13.97 7.09 -17.36
CA ALA A 354 13.96 6.11 -18.45
C ALA A 354 12.56 5.54 -18.64
N ALA A 355 11.92 5.21 -17.53
CA ALA A 355 10.55 4.71 -17.56
C ALA A 355 9.60 5.78 -18.11
N ASN A 356 9.74 7.00 -17.59
CA ASN A 356 8.90 8.12 -18.02
C ASN A 356 9.09 8.45 -19.50
N THR A 357 10.33 8.40 -19.97
CA THR A 357 10.62 8.63 -21.39
C THR A 357 10.00 7.54 -22.25
N ALA A 358 10.12 6.29 -21.81
CA ALA A 358 9.61 5.15 -22.58
C ALA A 358 8.09 5.20 -22.75
N ILE A 359 7.38 5.52 -21.67
CA ILE A 359 5.93 5.53 -21.77
CA ILE A 359 5.92 5.63 -21.67
C ILE A 359 5.45 6.71 -22.65
N GLN A 360 6.19 7.81 -22.66
CA GLN A 360 5.84 8.95 -23.50
C GLN A 360 6.12 8.67 -24.99
N ASN A 361 6.91 7.64 -25.27
CA ASN A 361 7.28 7.34 -26.65
C ASN A 361 6.71 6.01 -27.16
N ALA A 362 6.02 5.28 -26.30
CA ALA A 362 5.46 3.99 -26.66
C ALA A 362 4.27 4.12 -27.59
N ASP A 363 4.11 3.19 -28.54
CA ASP A 363 2.95 3.23 -29.42
C ASP A 363 1.83 2.34 -28.90
N CYS A 364 2.15 1.48 -27.93
CA CYS A 364 1.11 0.66 -27.30
C CYS A 364 1.39 0.51 -25.81
N ILE A 365 0.42 0.90 -25.00
CA ILE A 365 0.55 0.81 -23.55
C ILE A 365 -0.40 -0.23 -22.97
N ILE A 366 0.16 -1.25 -22.33
CA ILE A 366 -0.63 -2.30 -21.72
C ILE A 366 -0.76 -2.06 -20.22
N ALA A 367 -1.88 -1.49 -19.80
CA ALA A 367 -2.10 -1.14 -18.40
C ALA A 367 -2.71 -2.31 -17.65
N LEU A 368 -1.93 -2.88 -16.73
CA LEU A 368 -2.36 -4.07 -15.98
C LEU A 368 -2.57 -3.76 -14.50
N GLY A 369 -3.82 -3.59 -14.10
CA GLY A 369 -4.17 -3.34 -12.71
C GLY A 369 -3.56 -2.06 -12.15
N ALA A 370 -3.70 -0.98 -12.90
CA ALA A 370 -3.21 0.33 -12.47
C ALA A 370 -4.22 1.40 -12.88
N ARG A 371 -4.34 2.47 -12.10
CA ARG A 371 -5.46 3.40 -12.27
C ARG A 371 -5.13 4.79 -12.82
N PHE A 372 -3.95 4.96 -13.42
CA PHE A 372 -3.57 6.24 -14.03
C PHE A 372 -3.69 7.40 -13.04
N ASP A 373 -3.18 7.20 -11.84
CA ASP A 373 -3.19 8.19 -10.77
CA ASP A 373 -3.28 8.23 -10.81
C ASP A 373 -2.42 9.44 -11.16
N ASP A 374 -2.69 10.58 -10.52
CA ASP A 374 -2.05 11.83 -10.93
C ASP A 374 -0.60 11.99 -10.44
N ARG A 375 -0.09 11.02 -9.69
CA ARG A 375 1.34 10.99 -9.39
C ARG A 375 2.11 10.24 -10.49
N VAL A 376 1.37 9.59 -11.39
CA VAL A 376 1.97 8.74 -12.41
C VAL A 376 1.92 9.34 -13.82
N THR A 377 0.79 9.94 -14.18
CA THR A 377 0.56 10.38 -15.55
C THR A 377 1.27 11.69 -15.91
N GLY A 378 1.64 12.47 -14.91
CA GLY A 378 2.10 13.83 -15.19
C GLY A 378 0.92 14.61 -15.72
N ASN A 379 1.19 15.69 -16.45
CA ASN A 379 0.14 16.47 -17.10
C ASN A 379 -0.69 15.58 -18.04
N ILE A 380 -1.97 15.43 -17.73
CA ILE A 380 -2.84 14.48 -18.42
C ILE A 380 -2.99 14.75 -19.92
N SER A 381 -3.13 16.02 -20.31
CA SER A 381 -3.30 16.36 -21.72
C SER A 381 -2.04 16.05 -22.51
N LYS A 382 -0.89 15.95 -21.83
CA LYS A 382 0.37 15.72 -22.49
C LYS A 382 0.89 14.30 -22.27
N PHE A 383 0.05 13.45 -21.68
CA PHE A 383 0.42 12.08 -21.37
C PHE A 383 0.33 11.16 -22.59
N ALA A 384 1.32 10.28 -22.74
CA ALA A 384 1.34 9.24 -23.78
C ALA A 384 1.00 9.71 -25.20
N PRO A 385 1.76 10.70 -25.72
CA PRO A 385 1.45 11.26 -27.05
C PRO A 385 1.53 10.24 -28.18
N GLU A 386 2.52 9.34 -28.11
CA GLU A 386 2.75 8.39 -29.18
C GLU A 386 1.68 7.30 -29.23
N ALA A 387 1.14 6.95 -28.06
CA ALA A 387 0.10 5.93 -27.99
C ALA A 387 -1.24 6.47 -28.48
N LYS A 388 -1.51 7.74 -28.20
CA LYS A 388 -2.72 8.38 -28.70
C LYS A 388 -2.66 8.55 -30.21
N LEU A 389 -1.48 8.88 -30.73
CA LEU A 389 -1.31 8.99 -32.18
C LEU A 389 -1.54 7.63 -32.84
N ALA A 390 -0.94 6.59 -32.25
CA ALA A 390 -1.06 5.23 -32.77
C ALA A 390 -2.51 4.77 -32.81
N ALA A 391 -3.26 5.07 -31.75
CA ALA A 391 -4.68 4.74 -31.69
C ALA A 391 -5.45 5.40 -32.84
N SER A 392 -5.20 6.68 -33.05
CA SER A 392 -5.86 7.42 -34.12
C SER A 392 -5.51 6.87 -35.51
N GLU A 393 -4.32 6.28 -35.63
CA GLU A 393 -3.89 5.72 -36.92
C GLU A 393 -4.14 4.21 -36.97
N GLY A 394 -4.78 3.68 -35.95
CA GLY A 394 -5.15 2.28 -35.91
C GLY A 394 -3.97 1.31 -35.89
N ARG A 395 -2.94 1.66 -35.13
CA ARG A 395 -1.76 0.80 -35.05
C ARG A 395 -1.21 0.72 -33.62
N GLY A 396 -2.06 1.08 -32.65
CA GLY A 396 -1.67 1.01 -31.25
C GLY A 396 -2.69 1.62 -30.32
N GLY A 397 -2.23 2.11 -29.18
CA GLY A 397 -3.12 2.75 -28.21
C GLY A 397 -2.95 2.25 -26.80
N ILE A 398 -4.00 2.40 -26.00
CA ILE A 398 -3.97 1.99 -24.61
C ILE A 398 -4.91 0.82 -24.35
N LEU A 399 -4.36 -0.27 -23.83
CA LEU A 399 -5.14 -1.46 -23.53
C LEU A 399 -5.24 -1.60 -22.02
N HIS A 400 -6.45 -1.38 -21.49
CA HIS A 400 -6.64 -1.27 -20.05
C HIS A 400 -7.34 -2.50 -19.45
N PHE A 401 -6.59 -3.28 -18.68
CA PHE A 401 -7.13 -4.44 -17.96
C PHE A 401 -7.53 -4.00 -16.54
N GLU A 402 -8.82 -3.82 -16.32
CA GLU A 402 -9.30 -3.21 -15.07
C GLU A 402 -10.56 -3.88 -14.54
N ILE A 403 -10.62 -4.09 -13.22
CA ILE A 403 -11.72 -4.84 -12.64
C ILE A 403 -12.89 -3.94 -12.24
N SER A 404 -12.62 -2.66 -12.01
CA SER A 404 -13.65 -1.71 -11.58
C SER A 404 -14.03 -0.75 -12.71
N PRO A 405 -15.29 -0.83 -13.17
CA PRO A 405 -15.79 0.02 -14.26
C PRO A 405 -15.61 1.52 -13.98
N LYS A 406 -15.67 1.90 -12.71
CA LYS A 406 -15.47 3.28 -12.31
C LYS A 406 -14.10 3.82 -12.73
N ASN A 407 -13.10 2.95 -12.79
CA ASN A 407 -11.75 3.37 -13.12
C ASN A 407 -11.38 3.14 -14.59
N ILE A 408 -12.34 2.67 -15.37
CA ILE A 408 -12.17 2.57 -16.81
C ILE A 408 -12.64 3.86 -17.48
N ASN A 409 -11.75 4.47 -18.26
CA ASN A 409 -12.03 5.74 -18.93
C ASN A 409 -12.35 6.86 -17.94
N LYS A 410 -11.72 6.81 -16.77
CA LYS A 410 -11.90 7.85 -15.77
C LYS A 410 -10.92 8.99 -15.99
N VAL A 411 -9.70 8.63 -16.35
CA VAL A 411 -8.61 9.60 -16.49
C VAL A 411 -8.19 9.73 -17.95
N VAL A 412 -7.90 8.59 -18.57
CA VAL A 412 -7.53 8.54 -19.97
C VAL A 412 -8.44 7.57 -20.71
N GLU A 413 -8.71 7.88 -21.98
CA GLU A 413 -9.53 7.00 -22.79
C GLU A 413 -8.76 5.74 -23.17
N ALA A 414 -9.34 4.58 -22.87
CA ALA A 414 -8.73 3.31 -23.27
C ALA A 414 -9.11 2.99 -24.71
N THR A 415 -8.13 2.52 -25.49
CA THR A 415 -8.41 2.09 -26.86
C THR A 415 -9.24 0.82 -26.81
N GLU A 416 -8.84 -0.09 -25.93
CA GLU A 416 -9.66 -1.24 -25.59
C GLU A 416 -9.70 -1.41 -24.08
N ALA A 417 -10.90 -1.56 -23.54
CA ALA A 417 -11.08 -1.81 -22.12
C ALA A 417 -11.38 -3.28 -21.90
N ILE A 418 -10.60 -3.92 -21.04
CA ILE A 418 -10.84 -5.33 -20.73
C ILE A 418 -11.24 -5.44 -19.26
N GLU A 419 -12.53 -5.64 -19.05
CA GLU A 419 -13.11 -5.60 -17.71
C GLU A 419 -13.02 -6.95 -17.01
N GLY A 420 -12.65 -6.92 -15.73
CA GLY A 420 -12.55 -8.13 -14.93
C GLY A 420 -11.19 -8.28 -14.28
N ASP A 421 -10.95 -9.43 -13.65
CA ASP A 421 -9.67 -9.72 -13.03
C ASP A 421 -8.58 -9.78 -14.10
N VAL A 422 -7.53 -8.99 -13.92
CA VAL A 422 -6.47 -8.88 -14.93
C VAL A 422 -5.77 -10.22 -15.17
N THR A 423 -5.57 -10.98 -14.10
CA THR A 423 -4.87 -12.26 -14.21
C THR A 423 -5.68 -13.27 -15.03
N ALA A 424 -6.97 -13.36 -14.73
CA ALA A 424 -7.86 -14.25 -15.48
C ALA A 424 -7.92 -13.86 -16.96
N ASN A 425 -7.99 -12.57 -17.23
CA ASN A 425 -8.08 -12.09 -18.60
C ASN A 425 -6.77 -12.25 -19.36
N LEU A 426 -5.65 -12.21 -18.64
CA LEU A 426 -4.34 -12.45 -19.26
C LEU A 426 -4.23 -13.88 -19.79
N GLN A 427 -4.87 -14.83 -19.10
CA GLN A 427 -4.88 -16.22 -19.55
C GLN A 427 -5.51 -16.36 -20.93
N SER A 428 -6.50 -15.52 -21.22
CA SER A 428 -7.16 -15.54 -22.52
C SER A 428 -6.40 -14.70 -23.53
N PHE A 429 -5.73 -13.67 -23.03
CA PHE A 429 -5.03 -12.70 -23.86
C PHE A 429 -3.76 -13.27 -24.50
N ILE A 430 -2.89 -13.83 -23.65
CA ILE A 430 -1.56 -14.24 -24.06
C ILE A 430 -1.51 -15.23 -25.24
N PRO A 431 -2.37 -16.27 -25.24
CA PRO A 431 -2.33 -17.17 -26.41
C PRO A 431 -2.69 -16.50 -27.74
N LEU A 432 -3.32 -15.34 -27.71
CA LEU A 432 -3.68 -14.63 -28.94
C LEU A 432 -2.56 -13.69 -29.37
N VAL A 433 -1.60 -13.47 -28.47
CA VAL A 433 -0.50 -12.56 -28.72
C VAL A 433 0.66 -13.26 -29.45
N ASP A 434 1.13 -12.68 -30.54
CA ASP A 434 2.23 -13.27 -31.31
C ASP A 434 3.56 -13.24 -30.54
N SER A 435 4.28 -14.36 -30.60
CA SER A 435 5.60 -14.42 -29.98
CA SER A 435 5.60 -14.44 -29.99
C SER A 435 6.59 -13.59 -30.78
N ILE A 436 7.43 -12.83 -30.08
CA ILE A 436 8.38 -11.97 -30.76
C ILE A 436 9.80 -12.16 -30.23
N GLU A 437 10.72 -12.39 -31.15
CA GLU A 437 12.11 -12.69 -30.81
C GLU A 437 12.90 -11.45 -30.41
N ASN A 438 12.96 -10.46 -31.31
CA ASN A 438 13.72 -9.25 -31.04
C ASN A 438 13.02 -7.97 -31.45
N ARG A 439 13.33 -6.89 -30.75
CA ARG A 439 12.92 -5.55 -31.13
C ARG A 439 14.15 -4.64 -31.07
N PRO A 440 15.03 -4.76 -32.09
CA PRO A 440 16.34 -4.10 -32.10
C PRO A 440 16.27 -2.58 -31.87
N GLU A 441 15.45 -1.89 -32.63
CA GLU A 441 15.35 -0.43 -32.55
C GLU A 441 14.76 0.05 -31.21
N TRP A 442 13.64 -0.56 -30.81
CA TRP A 442 12.97 -0.16 -29.57
C TRP A 442 13.86 -0.40 -28.36
N PHE A 443 14.45 -1.58 -28.27
CA PHE A 443 15.27 -1.91 -27.10
C PHE A 443 16.63 -1.22 -27.12
N ASN A 444 17.06 -0.77 -28.30
CA ASN A 444 18.25 0.07 -28.37
C ASN A 444 17.99 1.42 -27.70
N LYS A 445 16.82 1.98 -27.96
CA LYS A 445 16.39 3.22 -27.31
C LYS A 445 16.25 3.02 -25.80
N ILE A 446 15.60 1.93 -25.42
CA ILE A 446 15.35 1.65 -24.02
C ILE A 446 16.64 1.47 -23.24
N ASN A 447 17.59 0.73 -23.81
CA ASN A 447 18.88 0.52 -23.17
C ASN A 447 19.66 1.82 -23.06
N GLU A 448 19.56 2.67 -24.09
CA GLU A 448 20.20 3.98 -24.07
C GLU A 448 19.61 4.86 -22.98
N TRP A 449 18.29 4.84 -22.85
CA TRP A 449 17.62 5.65 -21.83
C TRP A 449 17.98 5.18 -20.43
N LYS A 450 18.05 3.87 -20.22
CA LYS A 450 18.42 3.34 -18.90
C LYS A 450 19.84 3.75 -18.53
N LYS A 451 20.73 3.77 -19.53
CA LYS A 451 22.12 4.13 -19.30
C LYS A 451 22.26 5.60 -18.89
N LYS A 452 21.53 6.50 -19.54
CA LYS A 452 21.68 7.92 -19.25
C LYS A 452 20.82 8.40 -18.09
N TYR A 453 19.87 7.58 -17.66
CA TYR A 453 18.98 7.98 -16.56
C TYR A 453 19.04 7.06 -15.33
N PRO A 454 20.21 6.93 -14.71
CA PRO A 454 20.21 6.18 -13.44
C PRO A 454 19.71 7.07 -12.31
N TYR A 455 19.45 6.47 -11.15
CA TYR A 455 19.09 7.24 -9.96
C TYR A 455 20.33 7.89 -9.33
N SER A 456 20.86 8.90 -10.01
CA SER A 456 22.09 9.56 -9.54
CA SER A 456 22.08 9.58 -9.56
C SER A 456 21.82 10.54 -8.41
N TYR A 457 22.84 10.76 -7.59
CA TYR A 457 22.76 11.68 -6.45
C TYR A 457 24.18 12.04 -6.01
N GLN A 458 24.30 13.04 -5.15
CA GLN A 458 25.60 13.44 -4.61
C GLN A 458 26.12 12.44 -3.58
N LEU A 459 27.21 11.77 -3.91
CA LEU A 459 27.81 10.79 -3.01
C LEU A 459 28.39 11.45 -1.76
N GLU A 460 28.58 10.64 -0.71
CA GLU A 460 29.33 11.05 0.47
C GLU A 460 30.66 11.70 0.10
N THR A 461 31.11 12.64 0.93
CA THR A 461 32.43 13.23 0.79
C THR A 461 33.11 13.07 2.14
N PRO A 462 34.44 13.24 2.20
CA PRO A 462 35.11 13.09 3.51
C PRO A 462 34.50 13.99 4.59
N GLY A 463 34.03 13.39 5.68
CA GLY A 463 33.50 14.15 6.79
C GLY A 463 32.01 14.44 6.72
N SER A 464 31.40 14.22 5.56
CA SER A 464 29.97 14.50 5.40
C SER A 464 29.12 13.48 6.15
N LEU A 465 27.85 13.83 6.35
CA LEU A 465 26.89 12.88 6.90
C LEU A 465 26.59 11.80 5.87
N ILE A 466 26.00 10.71 6.32
CA ILE A 466 25.53 9.66 5.42
C ILE A 466 24.44 10.18 4.50
N LYS A 467 24.53 9.87 3.22
CA LYS A 467 23.48 10.23 2.27
C LYS A 467 22.34 9.23 2.41
N PRO A 468 21.09 9.73 2.42
CA PRO A 468 19.95 8.81 2.61
C PRO A 468 19.84 7.77 1.48
N GLN A 469 20.24 8.12 0.27
CA GLN A 469 20.19 7.18 -0.85
C GLN A 469 21.15 6.01 -0.61
N THR A 470 22.34 6.33 -0.09
CA THR A 470 23.35 5.32 0.22
C THR A 470 22.86 4.37 1.30
N LEU A 471 22.22 4.90 2.33
CA LEU A 471 21.68 4.09 3.41
C LEU A 471 20.72 3.04 2.87
N ILE A 472 19.81 3.46 2.00
CA ILE A 472 18.82 2.53 1.43
C ILE A 472 19.51 1.41 0.67
N LYS A 473 20.52 1.76 -0.12
CA LYS A 473 21.27 0.76 -0.88
C LYS A 473 21.94 -0.26 0.05
N GLU A 474 22.49 0.23 1.16
CA GLU A 474 23.18 -0.63 2.12
C GLU A 474 22.20 -1.65 2.71
N ILE A 475 21.03 -1.17 3.11
CA ILE A 475 20.01 -2.05 3.68
C ILE A 475 19.52 -3.07 2.64
N SER A 476 19.27 -2.60 1.42
CA SER A 476 18.83 -3.49 0.34
C SER A 476 19.85 -4.60 0.07
N ASP A 477 21.13 -4.25 0.00
CA ASP A 477 22.17 -5.23 -0.30
C ASP A 477 22.34 -6.26 0.83
N GLN A 478 22.33 -5.80 2.07
CA GLN A 478 22.56 -6.71 3.19
C GLN A 478 21.33 -7.58 3.49
N ALA A 479 20.14 -7.02 3.31
CA ALA A 479 18.91 -7.77 3.59
C ALA A 479 18.74 -8.96 2.65
N GLN A 480 19.24 -8.82 1.43
CA GLN A 480 19.04 -9.84 0.40
C GLN A 480 19.90 -11.07 0.63
N THR A 481 20.74 -11.04 1.65
CA THR A 481 21.68 -12.13 1.90
C THR A 481 21.22 -13.07 3.02
N TYR A 482 20.03 -12.82 3.57
CA TYR A 482 19.43 -13.75 4.53
C TYR A 482 18.53 -14.72 3.78
N ASN A 483 18.38 -15.93 4.31
CA ASN A 483 17.52 -16.91 3.65
C ASN A 483 16.07 -16.76 4.13
N LYS A 484 15.58 -15.52 4.09
CA LYS A 484 14.23 -15.22 4.53
C LYS A 484 13.58 -14.25 3.56
N GLU A 485 12.26 -14.26 3.49
CA GLU A 485 11.53 -13.25 2.74
C GLU A 485 11.76 -11.89 3.40
N VAL A 486 11.80 -10.83 2.60
CA VAL A 486 12.00 -9.49 3.13
C VAL A 486 10.84 -8.59 2.74
N ILE A 487 10.14 -8.07 3.74
CA ILE A 487 9.01 -7.19 3.50
C ILE A 487 9.33 -5.80 3.99
N VAL A 488 9.05 -4.80 3.16
CA VAL A 488 9.33 -3.41 3.50
C VAL A 488 8.05 -2.59 3.67
N THR A 489 7.94 -1.89 4.79
CA THR A 489 6.92 -0.87 4.95
C THR A 489 7.60 0.48 5.04
N THR A 490 6.85 1.56 4.81
CA THR A 490 7.43 2.90 4.91
C THR A 490 6.48 3.89 5.57
N GLY A 491 7.02 5.03 5.96
CA GLY A 491 6.20 6.19 6.27
C GLY A 491 5.95 6.96 4.99
N VAL A 492 5.70 8.25 5.10
CA VAL A 492 5.42 9.08 3.93
C VAL A 492 6.38 10.26 3.87
N GLY A 493 7.03 10.42 2.73
CA GLY A 493 7.94 11.53 2.52
C GLY A 493 9.12 11.13 1.65
N GLN A 494 10.25 11.81 1.83
CA GLN A 494 11.43 11.55 1.02
C GLN A 494 11.96 10.12 1.18
N HIS A 495 12.05 9.67 2.44
CA HIS A 495 12.54 8.32 2.74
C HIS A 495 11.74 7.25 1.99
N GLN A 496 10.44 7.50 1.85
CA GLN A 496 9.54 6.60 1.14
C GLN A 496 9.91 6.48 -0.35
N MET A 497 10.17 7.63 -0.97
CA MET A 497 10.58 7.67 -2.37
C MET A 497 11.96 7.04 -2.58
N TRP A 498 12.88 7.33 -1.67
CA TRP A 498 14.22 6.78 -1.77
C TRP A 498 14.19 5.27 -1.57
N ALA A 499 13.32 4.79 -0.69
CA ALA A 499 13.13 3.36 -0.50
C ALA A 499 12.62 2.72 -1.79
N ALA A 500 11.63 3.37 -2.39
CA ALA A 500 11.05 2.88 -3.64
C ALA A 500 12.11 2.81 -4.74
N GLN A 501 12.92 3.87 -4.84
CA GLN A 501 13.94 3.95 -5.88
C GLN A 501 15.08 2.96 -5.69
N HIS A 502 15.60 2.85 -4.47
CA HIS A 502 16.91 2.25 -4.29
C HIS A 502 16.92 0.83 -3.73
N PHE A 503 15.75 0.32 -3.32
CA PHE A 503 15.64 -1.11 -3.10
C PHE A 503 15.57 -1.80 -4.45
N THR A 504 16.01 -3.06 -4.50
CA THR A 504 15.83 -3.87 -5.69
C THR A 504 14.64 -4.79 -5.44
N TRP A 505 13.54 -4.53 -6.15
CA TRP A 505 12.29 -5.24 -5.90
C TRP A 505 12.16 -6.48 -6.78
N THR A 506 11.85 -7.62 -6.16
CA THR A 506 11.84 -8.90 -6.87
C THR A 506 10.64 -9.79 -6.58
N GLN A 507 9.98 -9.58 -5.44
CA GLN A 507 8.88 -10.47 -5.02
C GLN A 507 7.58 -9.71 -4.77
N PRO A 508 6.44 -10.34 -5.09
CA PRO A 508 5.13 -9.71 -4.87
C PRO A 508 4.78 -9.51 -3.39
N ARG A 509 4.05 -8.44 -3.09
CA ARG A 509 3.63 -8.11 -1.73
C ARG A 509 4.80 -7.92 -0.77
N THR A 510 5.82 -7.19 -1.22
CA THR A 510 6.97 -6.87 -0.38
C THR A 510 7.15 -5.36 -0.16
N MET A 511 6.38 -4.56 -0.91
CA MET A 511 6.30 -3.12 -0.69
C MET A 511 4.93 -2.78 -0.10
N ILE A 512 4.92 -2.34 1.15
CA ILE A 512 3.67 -2.06 1.84
C ILE A 512 3.72 -0.61 2.31
N THR A 513 3.09 0.25 1.53
CA THR A 513 3.29 1.69 1.67
C THR A 513 1.99 2.42 1.36
N SER A 514 1.78 3.56 2.03
CA SER A 514 0.56 4.33 1.83
C SER A 514 0.73 5.27 0.64
N GLY A 515 0.04 4.96 -0.46
CA GLY A 515 0.25 5.68 -1.70
C GLY A 515 -0.85 6.66 -2.07
N GLY A 516 -2.11 6.24 -1.98
CA GLY A 516 -3.22 7.07 -2.39
C GLY A 516 -3.52 8.21 -1.43
N LEU A 517 -3.75 7.86 -0.16
CA LEU A 517 -3.98 8.87 0.86
C LEU A 517 -2.64 9.44 1.34
N GLY A 518 -1.63 8.58 1.41
CA GLY A 518 -0.30 9.00 1.85
C GLY A 518 -0.26 9.39 3.33
N THR A 519 -0.56 8.43 4.20
CA THR A 519 -0.67 8.70 5.63
C THR A 519 0.65 8.56 6.40
N MET A 520 1.22 9.67 6.85
CA MET A 520 2.34 9.60 7.81
C MET A 520 1.92 8.81 9.05
N GLY A 521 2.83 8.00 9.59
CA GLY A 521 2.54 7.20 10.76
C GLY A 521 2.17 5.77 10.42
N TYR A 522 1.99 5.53 9.13
CA TYR A 522 1.59 4.22 8.60
C TYR A 522 2.66 3.14 8.83
N GLY A 523 3.92 3.53 8.72
CA GLY A 523 5.03 2.58 8.65
C GLY A 523 5.15 1.56 9.77
N LEU A 524 5.12 2.04 11.01
CA LEU A 524 5.32 1.16 12.16
C LEU A 524 4.14 0.18 12.38
N PRO A 525 2.89 0.70 12.46
CA PRO A 525 1.82 -0.29 12.65
C PRO A 525 1.65 -1.23 11.45
N ALA A 526 1.86 -0.75 10.23
CA ALA A 526 1.79 -1.63 9.06
C ALA A 526 2.82 -2.76 9.16
N ALA A 527 4.01 -2.43 9.65
CA ALA A 527 5.06 -3.43 9.83
C ALA A 527 4.66 -4.49 10.84
N ILE A 528 4.05 -4.06 11.95
CA ILE A 528 3.57 -4.99 12.96
C ILE A 528 2.54 -5.94 12.35
N GLY A 529 1.60 -5.39 11.61
CA GLY A 529 0.58 -6.20 10.96
C GLY A 529 1.16 -7.17 9.95
N ALA A 530 2.13 -6.71 9.15
CA ALA A 530 2.77 -7.57 8.17
C ALA A 530 3.57 -8.68 8.84
N GLN A 531 4.21 -8.35 9.97
CA GLN A 531 5.02 -9.31 10.70
C GLN A 531 4.14 -10.42 11.30
N VAL A 532 2.95 -10.05 11.75
CA VAL A 532 2.01 -11.02 12.29
C VAL A 532 1.51 -11.95 11.18
N ALA A 533 1.29 -11.39 10.00
CA ALA A 533 0.88 -12.19 8.85
C ALA A 533 1.99 -13.13 8.39
N LYS A 534 3.23 -12.66 8.49
CA LYS A 534 4.39 -13.40 8.02
C LYS A 534 5.46 -13.52 9.12
N PRO A 535 5.23 -14.42 10.09
CA PRO A 535 6.11 -14.54 11.27
C PRO A 535 7.56 -14.92 10.94
N ASP A 536 7.79 -15.52 9.79
CA ASP A 536 9.15 -15.94 9.41
C ASP A 536 9.85 -14.94 8.49
N ALA A 537 9.18 -13.83 8.18
CA ALA A 537 9.77 -12.83 7.30
C ALA A 537 10.60 -11.81 8.07
N ILE A 538 11.60 -11.26 7.40
CA ILE A 538 12.23 -10.03 7.87
C ILE A 538 11.34 -8.88 7.46
N VAL A 539 10.89 -8.09 8.43
CA VAL A 539 10.03 -6.95 8.12
C VAL A 539 10.72 -5.65 8.52
N ILE A 540 10.95 -4.79 7.54
CA ILE A 540 11.67 -3.55 7.75
C ILE A 540 10.77 -2.35 7.51
N ASP A 541 10.65 -1.49 8.53
CA ASP A 541 9.95 -0.23 8.36
C ASP A 541 10.97 0.88 8.09
N ILE A 542 11.04 1.32 6.82
CA ILE A 542 11.85 2.47 6.47
C ILE A 542 11.03 3.72 6.73
N ASP A 543 11.38 4.47 7.78
CA ASP A 543 10.51 5.54 8.27
C ASP A 543 11.21 6.90 8.29
N GLY A 544 10.42 7.97 8.22
CA GLY A 544 10.94 9.31 8.41
C GLY A 544 10.83 9.67 9.89
N ASP A 545 11.61 10.64 10.35
CA ASP A 545 11.53 11.02 11.75
C ASP A 545 10.18 11.65 12.10
N ALA A 546 9.65 12.49 11.21
CA ALA A 546 8.36 13.11 11.47
C ALA A 546 7.22 12.09 11.40
N SER A 547 7.28 11.19 10.42
CA SER A 547 6.28 10.12 10.28
C SER A 547 6.29 9.20 11.49
N PHE A 548 7.49 8.84 11.94
CA PHE A 548 7.63 7.94 13.07
C PHE A 548 7.03 8.54 14.34
N ASN A 549 7.21 9.85 14.50
CA ASN A 549 6.64 10.58 15.65
C ASN A 549 5.12 10.47 15.75
N MET A 550 4.46 10.32 14.61
CA MET A 550 3.01 10.27 14.59
C MET A 550 2.44 9.11 15.41
N THR A 551 3.06 7.95 15.30
CA THR A 551 2.51 6.74 15.91
C THR A 551 3.53 5.90 16.68
N LEU A 552 4.58 6.54 17.21
CA LEU A 552 5.67 5.79 17.85
C LEU A 552 5.26 5.04 19.13
N THR A 553 4.06 5.33 19.66
CA THR A 553 3.61 4.62 20.86
C THR A 553 3.39 3.14 20.57
N GLU A 554 3.19 2.79 19.31
CA GLU A 554 2.92 1.39 18.95
C GLU A 554 4.14 0.48 19.06
N LEU A 555 5.29 1.04 19.44
CA LEU A 555 6.46 0.21 19.75
C LEU A 555 6.15 -0.80 20.84
N SER A 556 5.45 -0.37 21.88
CA SER A 556 5.03 -1.26 22.97
CA SER A 556 5.08 -1.30 22.95
C SER A 556 4.17 -2.39 22.42
N SER A 557 3.35 -2.05 21.42
CA SER A 557 2.44 -3.02 20.81
C SER A 557 3.21 -4.14 20.11
N ALA A 558 4.31 -3.79 19.47
CA ALA A 558 5.15 -4.77 18.79
C ALA A 558 5.74 -5.78 19.79
N VAL A 559 6.21 -5.26 20.91
CA VAL A 559 6.75 -6.12 21.96
C VAL A 559 5.66 -7.06 22.50
N GLN A 560 4.50 -6.51 22.82
CA GLN A 560 3.43 -7.31 23.42
C GLN A 560 2.89 -8.35 22.43
N ALA A 561 2.97 -8.05 21.14
CA ALA A 561 2.50 -8.98 20.11
C ALA A 561 3.56 -10.01 19.71
N GLY A 562 4.80 -9.81 20.16
CA GLY A 562 5.89 -10.70 19.79
C GLY A 562 6.25 -10.59 18.31
N ALA A 563 6.19 -9.37 17.79
CA ALA A 563 6.52 -9.10 16.39
C ALA A 563 7.89 -8.42 16.29
N PRO A 564 8.92 -9.18 15.86
CA PRO A 564 10.30 -8.68 15.84
C PRO A 564 10.60 -7.78 14.66
N ILE A 565 9.81 -6.72 14.51
CA ILE A 565 9.96 -5.78 13.42
C ILE A 565 11.29 -5.02 13.50
N LYS A 566 11.72 -4.48 12.36
CA LYS A 566 12.96 -3.74 12.27
C LYS A 566 12.68 -2.33 11.76
N VAL A 567 12.73 -1.35 12.67
CA VAL A 567 12.43 0.03 12.31
C VAL A 567 13.71 0.80 12.06
N CYS A 568 13.81 1.40 10.87
CA CYS A 568 14.94 2.27 10.55
C CYS A 568 14.45 3.69 10.35
N VAL A 569 14.78 4.58 11.28
CA VAL A 569 14.39 5.98 11.16
C VAL A 569 15.47 6.80 10.46
N LEU A 570 15.13 7.33 9.28
CA LEU A 570 16.03 8.25 8.60
C LEU A 570 15.87 9.62 9.22
N ASN A 571 16.77 9.95 10.14
CA ASN A 571 16.65 11.18 10.90
C ASN A 571 17.36 12.36 10.23
N ASN A 572 16.61 13.14 9.46
CA ASN A 572 17.12 14.37 8.87
C ASN A 572 16.61 15.59 9.64
N GLU A 573 15.95 15.32 10.76
CA GLU A 573 15.42 16.37 11.65
C GLU A 573 14.56 17.39 10.92
N GLU A 574 13.80 16.91 9.95
CA GLU A 574 12.96 17.79 9.14
C GLU A 574 11.82 17.01 8.50
N GLN A 575 10.77 17.72 8.12
CA GLN A 575 9.76 17.18 7.23
C GLN A 575 10.30 17.37 5.81
N GLY A 576 11.19 16.47 5.42
CA GLY A 576 11.99 16.61 4.21
C GLY A 576 11.22 16.84 2.92
N MET A 577 10.13 16.10 2.75
CA MET A 577 9.33 16.23 1.53
CA MET A 577 9.30 16.22 1.55
C MET A 577 8.73 17.63 1.44
N VAL A 578 8.35 18.21 2.58
CA VAL A 578 7.78 19.54 2.56
C VAL A 578 8.85 20.60 2.40
N THR A 579 10.01 20.41 3.02
CA THR A 579 11.09 21.37 2.87
C THR A 579 11.63 21.35 1.44
N GLN A 580 11.54 20.20 0.77
CA GLN A 580 11.94 20.11 -0.63
C GLN A 580 11.08 21.06 -1.48
N TRP A 581 9.78 21.03 -1.26
CA TRP A 581 8.87 21.91 -1.99
C TRP A 581 9.03 23.38 -1.56
N GLN A 582 9.36 23.60 -0.29
CA GLN A 582 9.57 24.96 0.20
C GLN A 582 10.86 25.55 -0.36
N SER A 583 11.88 24.71 -0.51
CA SER A 583 13.14 25.13 -1.13
C SER A 583 12.90 25.49 -2.60
N LEU A 584 12.08 24.69 -3.25
CA LEU A 584 11.85 24.81 -4.69
C LEU A 584 10.88 25.94 -5.07
N PHE A 585 9.79 26.06 -4.34
CA PHE A 585 8.73 26.98 -4.75
C PHE A 585 8.54 28.19 -3.84
N TYR A 586 9.10 28.14 -2.62
CA TYR A 586 8.86 29.23 -1.68
C TYR A 586 10.15 29.85 -1.17
N GLU A 587 11.17 29.82 -2.01
CA GLU A 587 12.43 30.54 -1.76
C GLU A 587 13.01 30.25 -0.38
N HIS A 588 13.01 28.97 -0.01
CA HIS A 588 13.64 28.50 1.22
C HIS A 588 13.01 29.10 2.47
N ARG A 589 11.71 29.36 2.41
CA ARG A 589 10.94 29.78 3.58
CA ARG A 589 10.94 29.78 3.58
C ARG A 589 10.34 28.55 4.24
N TYR A 590 11.03 28.02 5.24
CA TYR A 590 10.59 26.79 5.89
C TYR A 590 9.59 27.11 7.00
N SER A 591 8.32 27.08 6.64
CA SER A 591 7.25 27.41 7.57
C SER A 591 6.78 26.19 8.34
N HIS A 592 7.20 26.11 9.61
CA HIS A 592 6.75 25.08 10.55
C HIS A 592 6.96 23.64 10.06
N THR A 593 8.14 23.38 9.50
CA THR A 593 8.44 22.06 8.97
C THR A 593 9.62 21.40 9.68
N HIS A 594 9.94 21.89 10.86
CA HIS A 594 10.98 21.28 11.69
C HIS A 594 10.46 20.98 13.08
N GLN A 595 10.00 19.74 13.27
CA GLN A 595 9.51 19.30 14.57
C GLN A 595 10.68 18.75 15.38
N SER A 596 10.64 18.94 16.70
CA SER A 596 11.71 18.44 17.55
C SER A 596 11.54 16.93 17.76
N ASN A 597 12.65 16.21 17.74
CA ASN A 597 12.62 14.76 17.92
C ASN A 597 12.99 14.34 19.33
N PRO A 598 12.39 13.25 19.82
CA PRO A 598 12.88 12.67 21.08
C PRO A 598 14.24 12.00 20.89
N ASP A 599 14.90 11.66 21.99
CA ASP A 599 16.08 10.82 21.94
C ASP A 599 15.60 9.41 21.58
N PHE A 600 15.86 8.99 20.35
CA PHE A 600 15.31 7.73 19.85
C PHE A 600 15.90 6.50 20.54
N MET A 601 17.12 6.61 21.05
CA MET A 601 17.72 5.49 21.77
C MET A 601 17.11 5.30 23.15
N LYS A 602 16.85 6.40 23.85
CA LYS A 602 16.21 6.31 25.16
C LYS A 602 14.75 5.91 25.01
N LEU A 603 14.13 6.38 23.92
CA LEU A 603 12.76 5.97 23.59
C LEU A 603 12.66 4.46 23.41
N ALA A 604 13.56 3.91 22.61
CA ALA A 604 13.59 2.47 22.36
C ALA A 604 13.76 1.70 23.67
N GLU A 605 14.66 2.21 24.51
CA GLU A 605 14.90 1.61 25.81
C GLU A 605 13.64 1.63 26.68
N SER A 606 12.91 2.74 26.65
CA SER A 606 11.70 2.87 27.46
C SER A 606 10.62 1.90 26.98
N MET A 607 10.68 1.55 25.70
CA MET A 607 9.68 0.66 25.09
C MET A 607 10.12 -0.80 25.13
N ASN A 608 11.24 -1.07 25.77
CA ASN A 608 11.82 -2.41 25.84
C ASN A 608 12.20 -2.94 24.45
N VAL A 609 12.72 -2.05 23.61
CA VAL A 609 13.14 -2.40 22.26
C VAL A 609 14.63 -2.12 22.11
N LYS A 610 15.34 -3.01 21.42
CA LYS A 610 16.76 -2.81 21.13
C LYS A 610 16.97 -1.54 20.31
N GLY A 611 17.99 -0.77 20.66
CA GLY A 611 18.28 0.46 19.95
C GLY A 611 19.67 0.51 19.35
N ILE A 612 19.76 0.99 18.12
CA ILE A 612 21.04 1.18 17.44
C ILE A 612 21.09 2.57 16.81
N ARG A 613 22.20 3.28 16.99
CA ARG A 613 22.32 4.60 16.39
C ARG A 613 23.56 4.68 15.51
N ILE A 614 23.36 5.05 14.24
CA ILE A 614 24.45 5.25 13.29
C ILE A 614 24.62 6.73 13.02
N THR A 615 25.79 7.27 13.35
CA THR A 615 25.99 8.72 13.26
C THR A 615 26.99 9.14 12.17
N ASN A 616 27.83 8.22 11.71
CA ASN A 616 28.81 8.57 10.69
C ASN A 616 29.00 7.47 9.65
N GLN A 617 29.70 7.80 8.57
CA GLN A 617 29.90 6.89 7.44
C GLN A 617 30.56 5.58 7.87
N GLN A 618 31.47 5.66 8.82
CA GLN A 618 32.26 4.49 9.23
C GLN A 618 31.46 3.50 10.07
N GLU A 619 30.25 3.87 10.47
CA GLU A 619 29.40 2.97 11.26
C GLU A 619 28.28 2.36 10.43
N LEU A 620 28.18 2.75 9.16
CA LEU A 620 27.04 2.37 8.34
C LEU A 620 26.90 0.86 8.16
N LYS A 621 27.97 0.23 7.68
CA LYS A 621 27.94 -1.19 7.35
C LYS A 621 27.69 -2.08 8.57
N SER A 622 28.51 -1.91 9.60
CA SER A 622 28.41 -2.73 10.81
C SER A 622 27.10 -2.47 11.56
N GLY A 623 26.62 -1.24 11.48
CA GLY A 623 25.38 -0.86 12.14
C GLY A 623 24.16 -1.50 11.49
N VAL A 624 24.15 -1.50 10.17
CA VAL A 624 23.06 -2.15 9.42
C VAL A 624 23.09 -3.66 9.65
N LYS A 625 24.29 -4.24 9.75
CA LYS A 625 24.40 -5.68 9.99
CA LYS A 625 24.41 -5.67 10.00
C LYS A 625 23.81 -6.05 11.35
N GLU A 626 24.12 -5.25 12.37
CA GLU A 626 23.59 -5.50 13.72
C GLU A 626 22.06 -5.39 13.70
N PHE A 627 21.59 -4.42 12.94
CA PHE A 627 20.16 -4.16 12.73
C PHE A 627 19.46 -5.40 12.18
N LEU A 628 20.00 -5.95 11.10
CA LEU A 628 19.40 -7.10 10.45
C LEU A 628 19.63 -8.42 11.19
N ASP A 629 20.77 -8.53 11.87
CA ASP A 629 21.06 -9.75 12.65
C ASP A 629 20.20 -9.89 13.91
N ALA A 630 19.57 -8.81 14.34
CA ALA A 630 18.77 -8.83 15.58
C ALA A 630 17.60 -9.80 15.47
N THR A 631 17.31 -10.51 16.56
CA THR A 631 16.22 -11.47 16.60
C THR A 631 15.09 -10.99 17.50
N GLU A 632 15.03 -9.68 17.67
CA GLU A 632 14.06 -9.05 18.56
C GLU A 632 13.64 -7.74 17.91
N PRO A 633 12.53 -7.13 18.38
CA PRO A 633 12.19 -5.80 17.86
C PRO A 633 13.37 -4.84 18.02
N VAL A 634 13.65 -4.06 16.99
CA VAL A 634 14.82 -3.21 17.03
C VAL A 634 14.56 -1.88 16.33
N LEU A 635 15.05 -0.80 16.92
CA LEU A 635 14.94 0.53 16.34
C LEU A 635 16.33 1.03 15.97
N LEU A 636 16.53 1.29 14.68
CA LEU A 636 17.77 1.86 14.19
C LEU A 636 17.57 3.32 13.82
N GLU A 637 18.33 4.21 14.43
CA GLU A 637 18.33 5.61 14.03
C GLU A 637 19.57 5.91 13.19
N VAL A 638 19.38 6.51 12.03
CA VAL A 638 20.52 6.92 11.20
C VAL A 638 20.49 8.42 10.95
N ILE A 639 21.56 9.10 11.32
CA ILE A 639 21.71 10.52 11.04
C ILE A 639 22.07 10.70 9.56
N VAL A 640 21.20 11.35 8.80
CA VAL A 640 21.44 11.51 7.37
C VAL A 640 21.49 12.97 6.95
N GLU A 641 22.08 13.22 5.77
CA GLU A 641 22.19 14.56 5.20
C GLU A 641 20.83 15.26 5.15
N LYS A 642 20.79 16.54 5.53
CA LYS A 642 19.56 17.32 5.48
C LYS A 642 19.47 18.14 4.20
N LYS A 643 18.25 18.56 3.86
CA LYS A 643 18.00 19.42 2.70
C LYS A 643 18.59 18.82 1.42
N VAL A 644 18.21 17.58 1.14
CA VAL A 644 18.57 16.91 -0.10
C VAL A 644 17.29 16.54 -0.83
N PRO A 645 17.15 17.01 -2.08
CA PRO A 645 15.91 16.73 -2.81
C PRO A 645 15.86 15.32 -3.38
N VAL A 646 14.66 14.75 -3.45
CA VAL A 646 14.43 13.53 -4.19
C VAL A 646 14.42 13.86 -5.69
N LEU A 647 15.30 13.21 -6.45
CA LEU A 647 15.34 13.37 -7.89
C LEU A 647 15.45 11.99 -8.54
N PRO A 648 14.97 11.85 -9.78
CA PRO A 648 14.34 12.86 -10.64
C PRO A 648 12.98 13.32 -10.12
N MET A 649 12.48 14.41 -10.68
CA MET A 649 11.20 14.94 -10.27
C MET A 649 10.47 15.55 -11.47
N VAL A 650 9.24 15.09 -11.69
CA VAL A 650 8.35 15.72 -12.64
C VAL A 650 7.42 16.64 -11.87
N PRO A 651 7.67 17.96 -11.94
CA PRO A 651 6.85 18.92 -11.19
C PRO A 651 5.38 18.84 -11.58
N ALA A 652 4.49 19.11 -10.62
CA ALA A 652 3.06 19.12 -10.89
C ALA A 652 2.75 20.03 -12.07
N GLY A 653 1.92 19.54 -12.99
CA GLY A 653 1.53 20.32 -14.15
C GLY A 653 2.39 20.11 -15.38
N LYS A 654 3.51 19.41 -15.22
CA LYS A 654 4.42 19.16 -16.36
C LYS A 654 4.18 17.79 -16.99
N ALA A 655 4.57 17.65 -18.27
CA ALA A 655 4.51 16.36 -18.95
C ALA A 655 5.47 15.38 -18.30
N LEU A 656 5.15 14.10 -18.38
CA LEU A 656 5.96 13.04 -17.76
C LEU A 656 7.43 13.04 -18.18
N ASP A 657 7.73 13.51 -19.40
CA ASP A 657 9.11 13.54 -19.85
C ASP A 657 9.73 14.93 -19.70
N ASP A 658 9.10 15.77 -18.89
CA ASP A 658 9.63 17.10 -18.60
C ASP A 658 10.12 17.11 -17.15
N PHE A 659 11.21 16.38 -16.91
CA PHE A 659 11.67 16.08 -15.56
C PHE A 659 12.90 16.88 -15.14
N ILE A 660 13.06 17.05 -13.83
CA ILE A 660 14.29 17.60 -13.26
C ILE A 660 15.25 16.46 -12.93
N LEU A 661 16.49 16.57 -13.41
CA LEU A 661 17.50 15.54 -13.15
C LEU A 661 18.54 16.02 -12.16
N TRP A 662 19.19 15.09 -11.46
CA TRP A 662 20.25 15.46 -10.54
C TRP A 662 21.47 16.00 -11.28
N ASP A 663 22.05 17.07 -10.75
CA ASP A 663 23.28 17.63 -11.28
C ASP A 663 24.12 18.17 -10.12
N ALA A 664 25.38 17.75 -10.06
CA ALA A 664 26.25 18.07 -8.93
C ALA A 664 26.44 19.57 -8.75
N GLU A 665 26.68 20.28 -9.85
CA GLU A 665 26.92 21.71 -9.80
C GLU A 665 25.67 22.46 -9.36
N VAL A 666 24.52 22.03 -9.85
CA VAL A 666 23.25 22.64 -9.47
C VAL A 666 22.98 22.46 -7.97
N GLU A 667 23.28 21.27 -7.45
CA GLU A 667 23.09 21.01 -6.03
C GLU A 667 23.97 21.93 -5.20
N LYS A 668 25.22 22.13 -5.63
CA LYS A 668 26.13 23.01 -4.92
C LYS A 668 25.61 24.45 -4.89
N GLN A 669 25.12 24.93 -6.03
CA GLN A 669 24.56 26.27 -6.12
C GLN A 669 23.33 26.40 -5.22
N GLN A 670 22.51 25.36 -5.19
CA GLN A 670 21.32 25.35 -4.34
C GLN A 670 21.71 25.46 -2.88
N ASN A 671 22.76 24.75 -2.49
CA ASN A 671 23.27 24.80 -1.11
C ASN A 671 23.71 26.21 -0.73
N ASP A 672 24.46 26.87 -1.61
CA ASP A 672 24.94 28.22 -1.35
C ASP A 672 23.77 29.20 -1.24
N LEU A 673 22.79 29.04 -2.12
CA LEU A 673 21.61 29.91 -2.10
C LEU A 673 20.80 29.72 -0.82
N ARG A 674 20.61 28.47 -0.42
CA ARG A 674 19.87 28.17 0.80
C ARG A 674 20.59 28.75 2.01
N LYS A 675 21.91 28.59 2.05
CA LYS A 675 22.73 29.11 3.14
C LYS A 675 22.59 30.62 3.25
N GLU A 676 22.70 31.32 2.12
CA GLU A 676 22.58 32.77 2.09
C GLU A 676 21.20 33.24 2.54
N ARG A 677 20.15 32.64 1.97
CA ARG A 677 18.79 33.06 2.26
C ARG A 677 18.37 32.83 3.70
N THR A 678 18.94 31.82 4.35
CA THR A 678 18.57 31.49 5.72
C THR A 678 19.58 32.01 6.73
N GLY A 679 20.53 32.82 6.25
CA GLY A 679 21.56 33.36 7.11
C GLY A 679 22.45 32.29 7.71
N GLY A 680 22.58 31.19 7.00
CA GLY A 680 23.44 30.09 7.42
C GLY A 680 22.76 29.12 8.39
N LYS A 681 21.45 29.24 8.52
CA LYS A 681 20.70 28.39 9.44
C LYS A 681 20.40 27.01 8.85
N TYR A 682 20.28 26.96 7.52
CA TYR A 682 19.94 25.71 6.85
C TYR A 682 20.86 25.42 5.67
PA FAD B . -3.94 1.33 -7.08
O1A FAD B . -4.37 0.37 -5.97
O2A FAD B . -4.14 2.76 -6.61
O5B FAD B . -4.84 1.04 -8.39
C5B FAD B . -4.97 -0.34 -8.80
C4B FAD B . -5.94 -0.40 -9.98
O4B FAD B . -6.05 -1.75 -10.42
C3B FAD B . -7.31 0.02 -9.54
O3B FAD B . -7.98 0.69 -10.62
C2B FAD B . -7.96 -1.26 -9.21
O2B FAD B . -9.40 -1.17 -9.33
C1B FAD B . -7.42 -2.17 -10.23
N9A FAD B . -7.48 -3.51 -9.79
C8A FAD B . -7.43 -3.93 -8.54
N7A FAD B . -7.50 -5.27 -8.51
C5A FAD B . -7.61 -5.72 -9.80
C6A FAD B . -7.72 -6.99 -10.45
N6A FAD B . -7.75 -8.16 -9.70
N1A FAD B . -7.80 -7.05 -11.79
C2A FAD B . -7.77 -5.95 -12.51
N3A FAD B . -7.67 -4.73 -11.97
C4A FAD B . -7.58 -4.59 -10.63
N1 FAD B . 3.29 6.31 -7.44
C2 FAD B . 4.07 6.04 -8.61
O2 FAD B . 3.81 5.08 -9.30
N3 FAD B . 5.11 6.87 -8.94
C4 FAD B . 5.43 7.97 -8.18
O4 FAD B . 6.35 8.69 -8.50
C4X FAD B . 4.62 8.27 -6.94
N5 FAD B . 4.90 9.37 -6.12
C5X FAD B . 4.38 9.37 -4.85
C6 FAD B . 4.92 10.23 -3.89
C7 FAD B . 4.40 10.25 -2.59
C7M FAD B . 4.99 11.21 -1.54
C8 FAD B . 3.32 9.40 -2.25
C8M FAD B . 2.76 9.42 -0.82
C9 FAD B . 2.79 8.54 -3.21
C9A FAD B . 3.32 8.52 -4.53
N10 FAD B . 2.81 7.67 -5.49
C10 FAD B . 3.58 7.43 -6.61
C1' FAD B . 1.76 6.75 -5.20
C2' FAD B . 0.48 7.14 -6.00
O2' FAD B . -0.06 8.06 -5.43
C3' FAD B . -0.52 5.91 -6.09
O3' FAD B . -0.79 5.47 -4.83
C4' FAD B . 0.03 4.78 -6.92
O4' FAD B . 0.65 5.24 -8.12
C5' FAD B . -1.10 3.86 -7.31
O5' FAD B . -0.55 2.73 -7.95
P FAD B . -1.55 1.63 -8.58
O1P FAD B . -2.40 2.24 -9.70
O2P FAD B . -0.73 0.49 -9.15
O3P FAD B . -2.43 1.05 -7.41
K K C . 14.87 -0.13 -7.87
MG MG D . 12.37 13.72 8.09
FAE PXD E . -0.41 17.43 -10.48
FAE PXD E . -0.90 18.04 -10.77
CBC PXD E . -1.65 18.15 -10.55
CBC PXD E . -2.24 17.82 -10.34
FAF PXD E . -1.35 19.49 -10.59
FAF PXD E . -2.41 16.47 -10.09
CAN PXD E . -2.46 17.85 -9.31
CAN PXD E . -2.46 18.57 -9.05
OAU PXD E . -1.55 17.82 -8.22
OAU PXD E . -1.51 18.03 -8.13
CAW PXD E . -2.12 17.52 -6.91
CAW PXD E . -2.08 17.67 -6.84
CAK PXD E . -3.24 16.69 -6.81
CAK PXD E . -3.19 16.83 -6.77
CAJ PXD E . -3.77 16.40 -5.58
CAJ PXD E . -3.73 16.49 -5.54
CAL PXD E . -3.16 16.97 -4.39
CAL PXD E . -3.12 17.01 -4.34
CAY PXD E . -2.08 17.76 -4.47
CAY PXD E . -2.04 17.82 -4.39
CBE PXD E . -1.55 18.29 -3.14
CBE PXD E . -1.50 18.29 -3.04
FAH PXD E . -2.51 18.11 -2.21
FAH PXD E . -2.47 18.09 -2.11
FAI PXD E . -0.45 17.63 -2.76
FAI PXD E . -0.41 17.61 -2.68
FAG PXD E . -1.29 19.63 -3.24
FAG PXD E . -1.23 19.63 -3.11
CBA PXD E . -1.52 18.07 -5.77
CBA PXD E . -1.47 18.17 -5.68
SBF PXD E . -0.10 19.07 -6.08
SBF PXD E . -0.06 19.20 -5.95
OAC PXD E . -0.48 20.26 -6.94
OAC PXD E . -0.46 20.45 -6.72
OAD PXD E . 0.80 18.38 -6.95
OAD PXD E . 0.83 18.57 -6.86
NAR PXD E . 0.72 19.61 -4.71
NAR PXD E . 0.76 19.65 -4.56
CAV PXD E . 1.68 18.79 -4.10
CAV PXD E . 1.73 18.81 -3.99
NAQ PXD E . 2.43 19.17 -3.01
NAQ PXD E . 2.51 19.17 -2.91
NAP PXD E . 2.03 17.55 -4.45
NAP PXD E . 2.04 17.55 -4.34
CBB PXD E . 3.06 17.12 -3.53
CBB PXD E . 3.07 17.11 -3.44
NBD PXD E . 3.27 18.10 -2.69
NBD PXD E . 3.33 18.08 -2.61
CAZ PXD E . 4.19 18.02 -1.67
CAZ PXD E . 4.28 17.99 -1.62
OAT PXD E . 4.35 19.13 -0.80
OAT PXD E . 4.48 19.11 -0.77
CAB PXD E . 5.12 18.83 0.41
CAB PXD E . 4.99 18.75 0.56
NAO PXD E . 4.95 16.83 -1.51
NAO PXD E . 5.02 16.79 -1.47
CAM PXD E . 4.76 15.79 -2.37
CAM PXD E . 4.78 15.75 -2.31
CAX PXD E . 3.81 15.91 -3.40
CAX PXD E . 3.81 15.87 -3.31
OAS PXD E . 3.59 14.87 -4.30
OAS PXD E . 3.56 14.81 -4.18
CAA PXD E . 4.28 13.67 -4.01
CAA PXD E . 4.51 13.77 -4.14
N1' TP9 F . 0.00 14.70 7.83
C2' TP9 F . -0.17 13.41 7.56
CM2 TP9 F . -0.89 12.55 8.55
N3' TP9 F . 0.30 12.87 6.43
C4' TP9 F . 0.94 13.64 5.54
N4' TP9 F . 1.42 13.03 4.34
C5' TP9 F . 1.13 15.01 5.79
C6' TP9 F . 0.63 15.53 6.98
C7' TP9 F . 1.84 15.91 4.84
N3 TP9 F . 3.17 15.44 4.54
S1 TP9 F . 5.51 14.09 3.66
C5 TP9 F . 5.47 15.05 5.13
C4 TP9 F . 4.29 15.73 5.37
CM4 TP9 F . 4.19 16.72 6.49
C6 TP9 F . 6.66 15.11 6.05
C7 TP9 F . 7.47 13.84 6.09
O7 TP9 F . 8.52 14.02 6.97
PA TP9 F . 9.33 12.71 7.29
O1A TP9 F . 8.42 11.70 7.90
O2A TP9 F . 10.41 13.05 8.27
O3A TP9 F . 9.94 12.05 6.00
PB TP9 F . 11.08 12.78 5.19
O1B TP9 F . 11.86 13.76 5.99
O2B TP9 F . 10.49 13.46 3.99
O3B TP9 F . 12.05 11.67 4.70
#